data_6Q6I
#
_entry.id   6Q6I
#
_cell.length_a   1.00
_cell.length_b   1.00
_cell.length_c   1.00
_cell.angle_alpha   90.00
_cell.angle_beta   90.00
_cell.angle_gamma   90.00
#
_symmetry.space_group_name_H-M   'P 1'
#
loop_
_entity.id
_entity.type
_entity.pdbx_description
1 polymer 'Biodegradative arginine decarboxylase'
2 non-polymer "PYRIDOXAL-5'-PHOSPHATE"
#
_entity_poly.entity_id   1
_entity_poly.type   'polypeptide(L)'
_entity_poly.pdbx_seq_one_letter_code
;MYKDLKFPVLIVHRDIKADTVAGERVRGIAHELEQDGFSILSTASSAEGRIVASTHHGLACILVAAEGAGENQRLLQDVV
ELIRVARVRAPQLPIFALGEQVTIENAPAESMADLHQLRGILYLFEDTVPFLARQVARAARNYLAGLLPPFFRALVEHTA
QSNYSWHTPGHGGGVAYRKSPVGQAFHQFFGENTLRSDLSVSVPELGSLLDHTGPLAEAEDRAARNFGADHTFFVINGTS
TANKIVWHSMVGREDLVLVDRNCHKSILHSIIMTGAIPLYLTPERNELGIIGPIPLSEFSKESIAAKIAASPLARGREPK
VKLAVVTNSTYDGLCYNAELIKQTLGDSVEVLHFDEAWYAYAAFHEFYDGRYGMGTSRSEEGPLVFATHSTHKMLAAFSQ
ASMIHVQDGGTRKLDVARFNEAFMMHISTSPQYGIIASLDVASAMMEGPAGRSLIQETFDEALSFRRALANVRQNLDRND
WWFGVWQPEQVEGTDQVGTHDWVLEPSADWHGFGDIAEDYVLLDPIKVTLTTPGLSAGGKLSEQGIPAAIVSRFLWERGL
VVEKTGLYSFLVLFSMGITKGKWSTLVTELLEFKRCYDANLPLLDVLPSVAQAGGKRYNGVGLRDLSDAMHASYRDNATA
KAMKRMYTVLPEVAMRPSEAYDKLVRGEVEAVPIARLEGRIAAVMLVPYPPGIPLIMPGERFTEATRSILDYLEFARTFE
RAFPGFDSDVHGLQHQDGPSGRCYTVECIKE
;
_entity_poly.pdbx_strand_id   A
#
# COMPACT_ATOMS: atom_id res chain seq x y z
N TYR A 2 -6.68 29.26 3.72
CA TYR A 2 -8.03 29.79 3.84
C TYR A 2 -8.29 30.20 5.29
N LYS A 3 -9.41 29.72 5.84
CA LYS A 3 -9.65 29.88 7.27
C LYS A 3 -8.80 28.89 8.04
N ASP A 4 -8.60 27.72 7.45
CA ASP A 4 -7.55 26.76 7.78
C ASP A 4 -6.34 27.10 6.91
N LEU A 5 -5.46 26.12 6.67
CA LEU A 5 -4.29 26.22 5.79
C LEU A 5 -3.29 27.25 6.33
N LYS A 6 -2.66 26.87 7.44
CA LYS A 6 -1.64 27.67 8.12
C LYS A 6 -0.26 27.55 7.49
N PHE A 7 -0.18 27.19 6.21
CA PHE A 7 0.98 27.08 5.33
C PHE A 7 1.94 28.24 5.50
N PRO A 8 3.20 27.98 5.82
CA PRO A 8 4.13 29.07 6.11
C PRO A 8 4.70 29.67 4.83
N VAL A 9 5.53 30.70 5.02
CA VAL A 9 6.28 31.32 3.94
C VAL A 9 7.71 31.48 4.43
N LEU A 10 8.64 30.77 3.81
CA LEU A 10 10.03 30.85 4.23
C LEU A 10 10.63 32.16 3.79
N ILE A 11 11.33 32.83 4.70
CA ILE A 11 12.00 34.08 4.39
C ILE A 11 13.48 33.88 4.66
N VAL A 12 14.28 33.93 3.62
CA VAL A 12 15.73 33.85 3.73
C VAL A 12 16.28 35.23 3.45
N HIS A 13 17.14 35.73 4.34
CA HIS A 13 17.84 36.97 4.10
C HIS A 13 19.11 36.91 4.92
N ARG A 14 20.04 37.83 4.61
CA ARG A 14 21.34 37.77 5.24
C ARG A 14 21.25 38.16 6.72
N ASP A 15 22.17 37.62 7.52
CA ASP A 15 22.12 37.75 8.96
C ASP A 15 22.38 39.17 9.43
N ILE A 16 23.02 39.99 8.60
CA ILE A 16 23.14 41.42 8.91
C ILE A 16 21.82 42.12 8.61
N LYS A 17 21.01 41.56 7.71
CA LYS A 17 19.78 42.22 7.27
C LYS A 17 18.52 41.37 7.44
N ALA A 18 18.58 40.30 8.24
CA ALA A 18 17.39 39.63 8.73
C ALA A 18 17.50 39.50 10.23
N ASP A 19 16.35 39.55 10.91
CA ASP A 19 16.15 39.71 12.36
C ASP A 19 17.12 40.72 12.99
N THR A 20 17.33 41.83 12.30
CA THR A 20 18.34 42.83 12.61
C THR A 20 17.80 44.20 12.21
N VAL A 21 18.71 45.15 12.00
CA VAL A 21 18.37 46.56 11.90
C VAL A 21 18.83 47.16 10.57
N ALA A 22 18.67 48.49 10.44
CA ALA A 22 19.20 49.32 9.36
C ALA A 22 18.57 48.98 8.01
N GLY A 23 17.27 49.23 7.93
CA GLY A 23 16.52 49.01 6.72
C GLY A 23 15.77 47.70 6.83
N GLU A 24 14.49 47.79 7.24
CA GLU A 24 13.72 46.61 7.58
C GLU A 24 12.31 46.73 7.02
N ARG A 25 12.18 46.33 5.76
CA ARG A 25 10.87 46.12 5.16
C ARG A 25 10.58 44.64 4.98
N VAL A 26 11.61 43.79 5.09
CA VAL A 26 11.39 42.35 5.07
C VAL A 26 10.64 41.90 6.31
N ARG A 27 10.93 42.52 7.46
CA ARG A 27 10.11 42.25 8.64
C ARG A 27 8.74 42.91 8.51
N GLY A 28 8.67 44.02 7.79
CA GLY A 28 7.38 44.63 7.52
C GLY A 28 6.50 43.77 6.63
N ILE A 29 7.09 43.15 5.60
CA ILE A 29 6.32 42.23 4.77
C ILE A 29 6.23 40.84 5.37
N ALA A 30 6.85 40.61 6.53
CA ALA A 30 6.42 39.48 7.33
C ALA A 30 5.20 39.85 8.16
N HIS A 31 5.21 41.05 8.75
CA HIS A 31 4.13 41.47 9.62
C HIS A 31 2.83 41.66 8.87
N GLU A 32 2.88 42.22 7.66
CA GLU A 32 1.66 42.39 6.90
C GLU A 32 1.09 41.05 6.42
N LEU A 33 1.98 40.08 6.16
CA LEU A 33 1.50 38.74 5.85
C LEU A 33 0.91 38.07 7.08
N GLU A 34 1.41 38.40 8.26
CA GLU A 34 0.79 37.91 9.49
C GLU A 34 -0.59 38.52 9.67
N GLN A 35 -0.74 39.81 9.36
CA GLN A 35 -2.07 40.42 9.38
C GLN A 35 -2.96 39.89 8.26
N ASP A 36 -2.39 39.28 7.23
CA ASP A 36 -3.21 38.49 6.33
C ASP A 36 -3.56 37.15 6.96
N GLY A 37 -2.75 36.67 7.89
CA GLY A 37 -2.96 35.34 8.44
C GLY A 37 -2.03 34.30 7.84
N PHE A 38 -0.74 34.62 7.80
CA PHE A 38 0.28 33.70 7.30
C PHE A 38 1.28 33.39 8.39
N SER A 39 1.81 32.18 8.34
CA SER A 39 2.94 31.85 9.18
C SER A 39 4.22 32.42 8.56
N ILE A 40 5.29 32.45 9.34
CA ILE A 40 6.57 32.96 8.88
C ILE A 40 7.65 32.02 9.38
N LEU A 41 8.45 31.49 8.47
CA LEU A 41 9.66 30.78 8.86
C LEU A 41 10.82 31.68 8.45
N SER A 42 11.24 32.53 9.38
CA SER A 42 12.42 33.34 9.14
C SER A 42 13.66 32.47 9.12
N THR A 43 14.68 32.93 8.43
CA THR A 43 15.95 32.22 8.40
C THR A 43 17.07 33.23 8.20
N ALA A 44 18.13 33.10 8.98
CA ALA A 44 19.18 34.11 8.99
C ALA A 44 20.26 33.87 7.94
N SER A 45 20.29 32.71 7.29
CA SER A 45 21.36 32.46 6.34
C SER A 45 20.87 31.54 5.24
N SER A 46 21.75 31.25 4.29
CA SER A 46 21.36 30.50 3.10
C SER A 46 21.19 29.02 3.40
N ALA A 47 22.24 28.39 3.94
CA ALA A 47 22.23 26.95 4.11
C ALA A 47 21.28 26.51 5.22
N GLU A 48 20.92 27.41 6.12
CA GLU A 48 19.87 27.10 7.09
C GLU A 48 18.50 27.16 6.46
N GLY A 49 18.37 27.80 5.31
CA GLY A 49 17.11 27.83 4.58
C GLY A 49 17.03 26.69 3.58
N ARG A 50 18.18 26.27 3.08
CA ARG A 50 18.26 25.15 2.15
C ARG A 50 18.01 23.81 2.82
N ILE A 51 17.82 23.78 4.13
CA ILE A 51 17.38 22.60 4.84
C ILE A 51 15.88 22.63 5.06
N VAL A 52 15.34 23.74 5.55
CA VAL A 52 13.92 23.84 5.85
C VAL A 52 13.10 23.86 4.56
N ALA A 53 13.67 24.38 3.47
CA ALA A 53 12.98 24.29 2.18
C ALA A 53 13.09 22.88 1.61
N SER A 54 14.13 22.14 1.98
CA SER A 54 14.34 20.82 1.41
C SER A 54 13.48 19.77 2.08
N THR A 55 13.20 19.91 3.37
CA THR A 55 12.32 18.97 4.05
C THR A 55 10.89 19.15 3.58
N HIS A 56 10.07 18.13 3.83
CA HIS A 56 8.80 17.94 3.15
C HIS A 56 7.72 18.88 3.65
N HIS A 57 7.99 20.18 3.60
CA HIS A 57 7.02 21.17 4.00
C HIS A 57 6.00 21.37 2.90
N GLY A 58 4.85 21.88 3.30
CA GLY A 58 3.99 22.54 2.34
C GLY A 58 4.26 24.02 2.42
N LEU A 59 5.12 24.52 1.55
CA LEU A 59 5.58 25.89 1.61
C LEU A 59 4.84 26.72 0.58
N ALA A 60 4.25 27.83 1.03
CA ALA A 60 3.51 28.67 0.10
C ALA A 60 4.46 29.47 -0.79
N CYS A 61 5.26 30.35 -0.19
CA CYS A 61 6.23 31.12 -0.95
C CYS A 61 7.60 30.95 -0.33
N ILE A 62 8.60 31.46 -1.04
CA ILE A 62 9.98 31.47 -0.57
C ILE A 62 10.55 32.83 -0.94
N LEU A 63 11.18 33.50 0.02
CA LEU A 63 11.73 34.83 -0.22
C LEU A 63 13.24 34.76 -0.03
N VAL A 64 13.98 34.93 -1.11
CA VAL A 64 15.43 34.77 -1.12
C VAL A 64 16.09 36.13 -1.22
N ALA A 65 17.31 36.24 -0.72
CA ALA A 65 18.09 37.46 -0.82
C ALA A 65 19.12 37.32 -1.93
N ALA A 66 19.00 38.14 -2.97
CA ALA A 66 19.87 38.06 -4.13
C ALA A 66 20.65 39.35 -4.31
N GLU A 67 21.90 39.22 -4.81
CA GLU A 67 22.76 40.37 -5.10
C GLU A 67 23.56 40.22 -6.39
N GLY A 68 23.37 39.15 -7.15
CA GLY A 68 23.73 39.14 -8.56
C GLY A 68 25.16 38.89 -8.99
N ALA A 69 26.03 39.89 -8.85
CA ALA A 69 27.36 39.80 -9.45
C ALA A 69 28.31 38.86 -8.71
N GLY A 70 28.04 38.55 -7.45
CA GLY A 70 28.94 37.76 -6.65
C GLY A 70 28.82 36.26 -6.86
N GLU A 71 29.31 35.76 -8.00
CA GLU A 71 29.28 34.34 -8.27
C GLU A 71 30.46 33.59 -7.67
N ASN A 72 31.66 34.19 -7.68
CA ASN A 72 32.74 33.63 -6.88
C ASN A 72 32.53 33.91 -5.39
N GLN A 73 31.74 34.92 -5.05
CA GLN A 73 31.15 35.10 -3.73
C GLN A 73 30.04 34.08 -3.46
N ARG A 74 29.54 33.42 -4.51
CA ARG A 74 28.41 32.48 -4.54
C ARG A 74 27.24 32.96 -3.69
N LEU A 75 26.73 34.13 -4.07
CA LEU A 75 25.48 34.63 -3.50
C LEU A 75 24.32 34.40 -4.47
N LEU A 76 24.48 34.83 -5.72
CA LEU A 76 23.58 34.41 -6.79
C LEU A 76 23.60 32.90 -6.97
N GLN A 77 24.78 32.29 -6.81
CA GLN A 77 24.88 30.84 -6.87
C GLN A 77 24.16 30.19 -5.68
N ASP A 78 24.19 30.82 -4.51
CA ASP A 78 23.41 30.33 -3.39
C ASP A 78 21.92 30.47 -3.64
N VAL A 79 21.52 31.55 -4.33
CA VAL A 79 20.12 31.75 -4.71
C VAL A 79 19.65 30.65 -5.64
N VAL A 80 20.47 30.30 -6.64
CA VAL A 80 20.03 29.29 -7.60
C VAL A 80 20.10 27.89 -6.98
N GLU A 81 20.98 27.67 -6.00
CA GLU A 81 20.92 26.43 -5.23
C GLU A 81 19.63 26.33 -4.43
N LEU A 82 19.22 27.44 -3.82
CA LEU A 82 18.00 27.42 -3.01
C LEU A 82 16.78 27.20 -3.88
N ILE A 83 16.77 27.78 -5.08
CA ILE A 83 15.65 27.61 -5.99
C ILE A 83 15.57 26.17 -6.48
N ARG A 84 16.73 25.58 -6.82
CA ARG A 84 16.76 24.21 -7.30
C ARG A 84 16.34 23.22 -6.21
N VAL A 85 16.78 23.44 -4.97
CA VAL A 85 16.35 22.54 -3.91
C VAL A 85 14.91 22.82 -3.50
N ALA A 86 14.38 23.99 -3.84
CA ALA A 86 12.97 24.26 -3.55
C ALA A 86 12.06 23.48 -4.48
N ARG A 87 12.28 23.62 -5.79
CA ARG A 87 11.33 23.09 -6.78
C ARG A 87 11.67 21.64 -7.12
N VAL A 88 11.41 20.75 -6.17
CA VAL A 88 11.62 19.33 -6.41
C VAL A 88 10.40 18.51 -6.05
N ARG A 89 9.59 18.98 -5.12
CA ARG A 89 8.44 18.24 -4.64
C ARG A 89 7.13 18.98 -4.84
N ALA A 90 7.18 20.26 -5.13
CA ALA A 90 6.02 21.08 -5.44
C ALA A 90 6.53 22.25 -6.25
N PRO A 91 6.72 22.08 -7.56
CA PRO A 91 7.48 23.08 -8.33
C PRO A 91 6.73 24.38 -8.55
N GLN A 92 5.43 24.40 -8.33
CA GLN A 92 4.66 25.61 -8.60
C GLN A 92 4.67 26.60 -7.44
N LEU A 93 5.48 26.39 -6.41
CA LEU A 93 5.48 27.34 -5.31
C LEU A 93 6.25 28.59 -5.72
N PRO A 94 5.66 29.75 -5.60
CA PRO A 94 6.30 30.96 -6.11
C PRO A 94 7.49 31.42 -5.30
N ILE A 95 8.68 31.25 -5.87
CA ILE A 95 9.91 31.75 -5.26
C ILE A 95 10.08 33.21 -5.63
N PHE A 96 10.22 34.06 -4.62
CA PHE A 96 10.48 35.47 -4.84
C PHE A 96 11.89 35.81 -4.39
N ALA A 97 12.49 36.79 -5.04
CA ALA A 97 13.77 37.27 -4.56
C ALA A 97 13.55 38.51 -3.69
N LEU A 98 14.63 39.05 -3.15
CA LEU A 98 14.59 40.31 -2.44
C LEU A 98 15.78 41.15 -2.91
N GLY A 99 15.92 42.34 -2.34
CA GLY A 99 17.03 43.18 -2.72
C GLY A 99 16.74 44.66 -2.59
N GLU A 100 17.74 45.42 -2.17
CA GLU A 100 17.58 46.85 -1.95
C GLU A 100 18.12 47.71 -3.08
N GLN A 101 18.95 47.13 -3.95
CA GLN A 101 19.61 47.86 -5.02
C GLN A 101 19.58 46.95 -6.24
N VAL A 102 20.45 47.24 -7.21
CA VAL A 102 20.55 46.47 -8.44
C VAL A 102 20.85 45.01 -8.14
N THR A 103 19.92 44.13 -8.52
CA THR A 103 19.81 42.81 -7.94
C THR A 103 20.12 41.69 -8.93
N ILE A 104 19.38 41.59 -10.03
CA ILE A 104 19.70 40.57 -11.03
C ILE A 104 19.84 41.31 -12.35
N GLU A 105 20.26 42.56 -12.28
CA GLU A 105 20.49 43.37 -13.47
C GLU A 105 21.84 43.07 -14.13
N ASN A 106 22.61 42.13 -13.58
CA ASN A 106 23.92 41.79 -14.12
C ASN A 106 24.20 40.29 -14.03
N ALA A 107 23.17 39.46 -14.17
CA ALA A 107 23.34 38.01 -14.06
C ALA A 107 24.13 37.51 -15.27
N PRO A 108 25.34 36.95 -15.08
CA PRO A 108 26.23 36.66 -16.21
C PRO A 108 25.73 35.58 -17.15
N ALA A 109 25.51 34.37 -16.64
CA ALA A 109 25.00 33.28 -17.47
C ALA A 109 24.08 32.32 -16.73
N GLU A 110 23.79 32.55 -15.45
CA GLU A 110 22.86 31.70 -14.72
C GLU A 110 21.49 32.33 -14.86
N SER A 111 20.77 31.93 -15.91
CA SER A 111 19.44 32.48 -16.15
C SER A 111 18.45 31.40 -16.56
N MET A 112 18.86 30.15 -16.69
CA MET A 112 17.93 29.07 -16.95
C MET A 112 17.19 28.62 -15.70
N ALA A 113 17.70 28.97 -14.53
CA ALA A 113 17.05 28.63 -13.28
C ALA A 113 17.03 29.77 -12.29
N ASP A 114 17.63 30.91 -12.60
CA ASP A 114 17.52 32.08 -11.72
C ASP A 114 16.37 32.98 -12.16
N LEU A 115 16.47 33.57 -13.33
CA LEU A 115 15.42 34.45 -13.85
C LEU A 115 14.26 33.68 -14.42
N HIS A 116 14.40 32.38 -14.59
CA HIS A 116 13.35 31.54 -15.14
C HIS A 116 12.37 31.05 -14.08
N GLN A 117 12.84 30.78 -12.87
CA GLN A 117 11.96 30.21 -11.87
C GLN A 117 11.37 31.22 -10.92
N LEU A 118 12.04 32.37 -10.73
CA LEU A 118 11.54 33.41 -9.84
C LEU A 118 10.27 34.03 -10.39
N ARG A 119 9.23 34.09 -9.56
CA ARG A 119 7.96 34.63 -10.00
C ARG A 119 7.81 36.10 -9.67
N GLY A 120 8.90 36.84 -9.68
CA GLY A 120 8.89 38.27 -9.40
C GLY A 120 10.05 38.59 -8.49
N ILE A 121 10.42 39.86 -8.48
CA ILE A 121 11.41 40.35 -7.54
C ILE A 121 10.69 41.32 -6.62
N LEU A 122 11.14 41.38 -5.39
CA LEU A 122 10.57 42.29 -4.42
C LEU A 122 11.68 43.26 -4.05
N TYR A 123 11.79 44.35 -4.79
CA TYR A 123 12.71 45.41 -4.38
C TYR A 123 12.11 46.08 -3.16
N LEU A 124 12.59 45.71 -1.98
CA LEU A 124 11.83 45.99 -0.76
C LEU A 124 11.86 47.46 -0.35
N PHE A 125 12.84 48.23 -0.79
CA PHE A 125 12.84 49.66 -0.46
C PHE A 125 11.97 50.46 -1.41
N GLU A 126 12.18 50.26 -2.72
CA GLU A 126 11.53 51.11 -3.72
C GLU A 126 10.04 50.81 -3.82
N ASP A 127 9.65 49.56 -3.66
CA ASP A 127 8.30 49.14 -3.94
C ASP A 127 7.36 49.49 -2.79
N THR A 128 6.18 48.87 -2.83
CA THR A 128 4.95 49.45 -2.29
C THR A 128 4.46 48.59 -1.12
N VAL A 129 5.01 48.83 0.07
CA VAL A 129 5.08 47.89 1.21
C VAL A 129 3.77 47.14 1.54
N PRO A 130 2.59 47.79 1.75
CA PRO A 130 1.40 46.96 1.99
C PRO A 130 0.87 46.32 0.72
N PHE A 131 0.95 47.00 -0.42
CA PHE A 131 0.61 46.37 -1.69
C PHE A 131 1.70 45.39 -2.13
N LEU A 132 2.93 45.56 -1.63
CA LEU A 132 3.98 44.57 -1.84
C LEU A 132 3.61 43.25 -1.19
N ALA A 133 3.28 43.29 0.10
CA ALA A 133 2.88 42.07 0.77
C ALA A 133 1.51 41.60 0.29
N ARG A 134 0.70 42.51 -0.25
CA ARG A 134 -0.53 42.08 -0.92
C ARG A 134 -0.27 41.34 -2.22
N GLN A 135 0.76 41.69 -2.97
CA GLN A 135 1.19 40.94 -4.14
C GLN A 135 1.74 39.57 -3.76
N VAL A 136 2.55 39.52 -2.70
CA VAL A 136 3.05 38.24 -2.18
C VAL A 136 1.89 37.36 -1.75
N ALA A 137 0.93 37.92 -1.02
CA ALA A 137 -0.23 37.17 -0.60
C ALA A 137 -1.17 36.85 -1.75
N ARG A 138 -1.10 37.60 -2.84
CA ARG A 138 -1.87 37.25 -4.02
C ARG A 138 -1.29 36.01 -4.67
N ALA A 139 0.03 35.99 -4.88
CA ALA A 139 0.66 34.83 -5.50
C ALA A 139 0.61 33.61 -4.61
N ALA A 140 0.71 33.83 -3.29
CA ALA A 140 0.66 32.73 -2.32
C ALA A 140 -0.68 32.03 -2.34
N ARG A 141 -1.75 32.79 -2.19
CA ARG A 141 -3.08 32.19 -2.18
C ARG A 141 -3.52 31.78 -3.58
N ASN A 142 -2.92 32.37 -4.63
CA ASN A 142 -3.15 31.88 -5.98
C ASN A 142 -2.61 30.46 -6.14
N TYR A 143 -1.36 30.24 -5.71
CA TYR A 143 -0.81 28.89 -5.74
C TYR A 143 -1.51 27.97 -4.75
N LEU A 144 -1.94 28.51 -3.61
CA LEU A 144 -2.61 27.70 -2.59
C LEU A 144 -4.00 27.27 -3.03
N ALA A 145 -4.62 28.03 -3.93
CA ALA A 145 -5.83 27.56 -4.57
C ALA A 145 -5.54 26.67 -5.76
N GLY A 146 -4.39 26.86 -6.42
CA GLY A 146 -4.06 26.04 -7.57
C GLY A 146 -3.54 24.66 -7.23
N LEU A 147 -3.05 24.45 -6.01
CA LEU A 147 -2.48 23.16 -5.65
C LEU A 147 -3.53 22.16 -5.21
N LEU A 148 -4.70 22.61 -4.80
CA LEU A 148 -5.76 21.67 -4.44
C LEU A 148 -6.29 20.99 -5.70
N PRO A 149 -6.66 19.72 -5.61
CA PRO A 149 -7.27 19.03 -6.74
C PRO A 149 -8.69 19.53 -6.96
N PRO A 150 -9.35 19.19 -8.08
CA PRO A 150 -10.68 19.76 -8.35
C PRO A 150 -11.76 19.41 -7.34
N PHE A 151 -11.92 18.12 -7.04
CA PHE A 151 -12.99 17.69 -6.14
C PHE A 151 -12.77 18.22 -4.74
N PHE A 152 -11.53 18.24 -4.27
CA PHE A 152 -11.29 18.72 -2.92
C PHE A 152 -11.43 20.24 -2.86
N ARG A 153 -11.14 20.93 -3.97
CA ARG A 153 -11.36 22.37 -3.98
C ARG A 153 -12.83 22.70 -3.89
N ALA A 154 -13.65 21.97 -4.65
CA ALA A 154 -15.09 22.19 -4.58
C ALA A 154 -15.66 21.75 -3.23
N LEU A 155 -15.09 20.73 -2.60
CA LEU A 155 -15.60 20.29 -1.32
C LEU A 155 -15.13 21.18 -0.18
N VAL A 156 -14.01 21.88 -0.33
CA VAL A 156 -13.65 22.83 0.70
C VAL A 156 -14.33 24.18 0.48
N GLU A 157 -14.79 24.46 -0.74
CA GLU A 157 -15.62 25.64 -0.94
C GLU A 157 -17.10 25.28 -0.96
N HIS A 158 -17.44 24.08 -0.52
CA HIS A 158 -18.82 23.70 -0.21
C HIS A 158 -19.12 23.77 1.28
N THR A 159 -18.11 23.63 2.14
CA THR A 159 -18.29 23.77 3.58
C THR A 159 -17.87 25.14 4.06
N ALA A 160 -18.10 26.17 3.24
CA ALA A 160 -18.05 27.54 3.72
C ALA A 160 -19.29 28.28 3.24
N GLN A 161 -19.79 27.88 2.08
CA GLN A 161 -20.91 28.52 1.41
C GLN A 161 -21.95 27.48 1.01
N SER A 162 -22.38 26.69 1.99
CA SER A 162 -23.20 25.51 1.73
C SER A 162 -24.63 25.88 1.38
N ASN A 163 -25.48 24.86 1.28
CA ASN A 163 -26.92 25.08 1.31
C ASN A 163 -27.29 25.68 2.65
N TYR A 164 -27.96 26.82 2.58
CA TYR A 164 -27.83 27.86 3.60
C TYR A 164 -28.42 27.42 4.94
N SER A 165 -29.70 27.14 4.97
CA SER A 165 -30.37 26.87 6.22
C SER A 165 -30.90 25.46 6.34
N TRP A 166 -31.08 24.75 5.25
CA TRP A 166 -31.85 23.51 5.29
C TRP A 166 -31.29 22.57 4.23
N HIS A 167 -30.34 21.75 4.64
CA HIS A 167 -29.97 20.57 3.87
C HIS A 167 -30.58 19.42 4.63
N THR A 168 -31.54 18.76 4.03
CA THR A 168 -32.49 18.06 4.88
C THR A 168 -32.09 16.70 5.43
N PRO A 169 -31.67 15.67 4.66
CA PRO A 169 -31.57 14.35 5.29
C PRO A 169 -30.24 14.15 6.02
N GLY A 170 -30.33 13.69 7.27
CA GLY A 170 -29.15 13.35 8.04
C GLY A 170 -28.76 14.42 9.05
N HIS A 171 -27.50 14.37 9.44
CA HIS A 171 -27.02 15.28 10.47
C HIS A 171 -26.81 16.70 9.95
N GLY A 172 -26.86 16.92 8.65
CA GLY A 172 -26.99 18.25 8.08
C GLY A 172 -25.83 19.18 8.31
N GLY A 173 -24.61 18.67 8.34
CA GLY A 173 -23.46 19.46 8.65
C GLY A 173 -23.01 19.37 10.08
N GLY A 174 -23.27 18.26 10.75
CA GLY A 174 -22.83 18.07 12.11
C GLY A 174 -23.69 18.82 13.10
N VAL A 175 -24.99 18.82 12.86
CA VAL A 175 -25.92 19.53 13.71
C VAL A 175 -26.66 18.60 14.67
N ALA A 176 -26.89 17.36 14.29
CA ALA A 176 -27.49 16.43 15.23
C ALA A 176 -26.49 15.89 16.24
N TYR A 177 -25.22 16.25 16.12
CA TYR A 177 -24.20 15.89 17.10
C TYR A 177 -24.00 16.97 18.13
N ARG A 178 -25.05 17.73 18.45
CA ARG A 178 -25.06 18.61 19.59
C ARG A 178 -26.37 18.43 20.35
N LYS A 179 -26.94 17.24 20.26
CA LYS A 179 -28.24 16.96 20.85
C LYS A 179 -28.18 15.96 22.00
N SER A 180 -26.99 15.53 22.40
CA SER A 180 -26.80 14.53 23.43
C SER A 180 -25.35 14.61 23.89
N PRO A 181 -25.04 14.13 25.11
CA PRO A 181 -23.64 14.12 25.52
C PRO A 181 -22.79 13.12 24.77
N VAL A 182 -23.35 11.98 24.38
CA VAL A 182 -22.61 11.02 23.58
C VAL A 182 -22.31 11.61 22.21
N GLY A 183 -23.31 12.26 21.61
CA GLY A 183 -23.09 12.91 20.33
C GLY A 183 -22.13 14.06 20.42
N GLN A 184 -22.14 14.80 21.52
CA GLN A 184 -21.24 15.94 21.60
C GLN A 184 -19.81 15.50 21.91
N ALA A 185 -19.65 14.37 22.60
CA ALA A 185 -18.33 13.78 22.73
C ALA A 185 -17.80 13.30 21.38
N PHE A 186 -18.67 12.68 20.58
CA PHE A 186 -18.31 12.32 19.20
C PHE A 186 -17.93 13.55 18.40
N HIS A 187 -18.66 14.64 18.62
CA HIS A 187 -18.45 15.87 17.89
C HIS A 187 -17.09 16.47 18.19
N GLN A 188 -16.78 16.65 19.47
CA GLN A 188 -15.51 17.25 19.83
C GLN A 188 -14.35 16.30 19.63
N PHE A 189 -14.60 15.00 19.44
CA PHE A 189 -13.52 14.13 19.01
C PHE A 189 -13.23 14.28 17.52
N PHE A 190 -14.24 14.14 16.67
CA PHE A 190 -13.97 14.04 15.24
C PHE A 190 -13.66 15.36 14.56
N GLY A 191 -13.54 16.45 15.30
CA GLY A 191 -13.41 17.73 14.67
C GLY A 191 -14.76 18.19 14.13
N GLU A 192 -14.75 19.35 13.52
CA GLU A 192 -15.97 19.88 12.91
C GLU A 192 -16.02 19.69 11.41
N ASN A 193 -14.89 19.83 10.73
CA ASN A 193 -14.86 19.76 9.28
C ASN A 193 -14.99 18.35 8.75
N THR A 194 -14.98 17.33 9.60
CA THR A 194 -15.33 16.00 9.12
C THR A 194 -16.83 15.80 9.12
N LEU A 195 -17.49 16.24 10.18
CA LEU A 195 -18.94 16.13 10.24
C LEU A 195 -19.61 17.03 9.22
N ARG A 196 -19.10 18.25 9.06
CA ARG A 196 -19.66 19.22 8.14
C ARG A 196 -19.27 18.96 6.70
N SER A 197 -18.75 17.78 6.38
CA SER A 197 -18.40 17.46 5.01
C SER A 197 -18.73 16.02 4.65
N ASP A 198 -19.51 15.33 5.47
CA ASP A 198 -19.98 14.00 5.11
C ASP A 198 -21.47 14.14 4.83
N LEU A 199 -21.78 14.57 3.62
CA LEU A 199 -23.16 14.76 3.21
C LEU A 199 -23.82 13.42 2.97
N SER A 200 -25.05 13.28 3.46
CA SER A 200 -25.69 11.98 3.40
C SER A 200 -26.23 11.67 2.01
N VAL A 201 -26.91 12.63 1.37
CA VAL A 201 -27.20 12.60 -0.06
C VAL A 201 -26.94 14.00 -0.59
N SER A 202 -26.26 14.11 -1.74
CA SER A 202 -25.96 15.43 -2.31
C SER A 202 -25.66 15.32 -3.79
N VAL A 203 -26.47 16.00 -4.61
CA VAL A 203 -26.19 16.23 -6.03
C VAL A 203 -25.38 17.49 -6.39
N PRO A 204 -25.73 18.69 -5.87
CA PRO A 204 -25.80 19.86 -6.76
C PRO A 204 -24.52 20.41 -7.36
N GLU A 205 -23.63 20.94 -6.54
CA GLU A 205 -22.47 21.67 -7.02
C GLU A 205 -21.21 20.85 -6.90
N LEU A 206 -21.35 19.59 -6.51
CA LEU A 206 -20.21 18.83 -6.04
C LEU A 206 -20.19 17.56 -6.86
N GLY A 207 -21.36 17.10 -7.28
CA GLY A 207 -21.47 16.13 -8.34
C GLY A 207 -21.53 14.71 -7.86
N SER A 208 -22.67 14.05 -8.04
CA SER A 208 -22.88 12.71 -7.52
C SER A 208 -21.95 11.71 -8.21
N LEU A 209 -21.50 10.72 -7.43
CA LEU A 209 -20.51 9.78 -7.92
C LEU A 209 -21.07 8.89 -9.01
N LEU A 210 -22.28 8.37 -8.81
CA LEU A 210 -22.83 7.36 -9.69
C LEU A 210 -23.29 7.93 -11.02
N ASP A 211 -23.48 9.25 -11.09
CA ASP A 211 -23.85 9.92 -12.32
C ASP A 211 -22.66 10.52 -13.06
N HIS A 212 -21.50 10.60 -12.38
CA HIS A 212 -20.23 11.05 -12.95
C HIS A 212 -20.33 12.46 -13.50
N THR A 213 -20.80 13.36 -12.66
CA THR A 213 -21.05 14.74 -13.02
C THR A 213 -20.36 15.66 -12.04
N GLY A 214 -20.46 16.96 -12.30
CA GLY A 214 -19.88 17.95 -11.43
C GLY A 214 -18.36 17.92 -11.48
N PRO A 215 -17.71 18.35 -10.39
CA PRO A 215 -16.25 18.23 -10.33
C PRO A 215 -15.75 16.83 -10.08
N LEU A 216 -16.62 15.86 -9.79
CA LEU A 216 -16.13 14.51 -9.58
C LEU A 216 -15.65 13.89 -10.88
N ALA A 217 -16.25 14.24 -12.01
CA ALA A 217 -15.73 13.80 -13.30
C ALA A 217 -14.59 14.67 -13.79
N GLU A 218 -14.19 15.66 -13.01
CA GLU A 218 -12.92 16.35 -13.22
C GLU A 218 -11.90 15.95 -12.17
N ALA A 219 -12.28 15.12 -11.21
CA ALA A 219 -11.32 14.42 -10.36
C ALA A 219 -10.93 13.10 -11.00
N GLU A 220 -11.92 12.29 -11.36
CA GLU A 220 -11.69 11.30 -12.40
C GLU A 220 -11.36 12.03 -13.70
N ASP A 221 -10.55 11.37 -14.53
CA ASP A 221 -9.98 11.86 -15.78
C ASP A 221 -9.05 13.06 -15.59
N ARG A 222 -8.76 13.43 -14.34
CA ARG A 222 -7.49 14.03 -13.95
C ARG A 222 -6.61 13.00 -13.27
N ALA A 223 -7.22 12.09 -12.52
CA ALA A 223 -6.51 10.91 -12.07
C ALA A 223 -6.05 10.03 -13.24
N ALA A 224 -6.75 10.10 -14.38
CA ALA A 224 -6.26 9.40 -15.56
C ALA A 224 -5.00 10.03 -16.10
N ARG A 225 -4.89 11.35 -16.05
CA ARG A 225 -3.67 12.00 -16.50
C ARG A 225 -2.55 11.93 -15.48
N ASN A 226 -2.86 11.60 -14.23
CA ASN A 226 -1.79 11.39 -13.25
C ASN A 226 -1.30 9.95 -13.27
N PHE A 227 -2.21 8.99 -13.14
CA PHE A 227 -1.80 7.59 -13.09
C PHE A 227 -1.49 7.04 -14.47
N GLY A 228 -2.21 7.48 -15.49
CA GLY A 228 -2.05 6.91 -16.81
C GLY A 228 -3.18 5.95 -17.10
N ALA A 229 -4.20 6.44 -17.79
CA ALA A 229 -5.40 5.66 -18.13
C ALA A 229 -6.21 6.46 -19.13
N ASP A 230 -7.25 5.81 -19.66
CA ASP A 230 -8.19 6.49 -20.52
C ASP A 230 -9.45 6.91 -19.78
N HIS A 231 -9.76 6.22 -18.69
CA HIS A 231 -10.84 6.59 -17.78
C HIS A 231 -10.64 5.85 -16.47
N THR A 232 -10.66 6.58 -15.35
CA THR A 232 -10.58 5.99 -14.03
C THR A 232 -11.90 6.21 -13.30
N PHE A 233 -12.14 5.37 -12.29
CA PHE A 233 -13.35 5.45 -11.50
C PHE A 233 -12.99 5.28 -10.04
N PHE A 234 -13.38 6.22 -9.21
CA PHE A 234 -13.25 6.00 -7.78
C PHE A 234 -14.27 4.98 -7.34
N VAL A 235 -13.90 4.18 -6.35
CA VAL A 235 -14.76 3.15 -5.77
C VAL A 235 -14.57 3.21 -4.27
N ILE A 236 -15.65 3.34 -3.53
CA ILE A 236 -15.57 3.72 -2.13
C ILE A 236 -15.90 2.59 -1.18
N ASN A 237 -16.68 1.60 -1.60
CA ASN A 237 -17.04 0.52 -0.69
C ASN A 237 -15.90 -0.47 -0.42
N GLY A 238 -14.70 -0.20 -0.90
CA GLY A 238 -13.53 -0.96 -0.56
C GLY A 238 -12.92 -1.64 -1.78
N THR A 239 -11.71 -2.15 -1.59
CA THR A 239 -11.12 -2.95 -2.65
C THR A 239 -11.79 -4.31 -2.74
N SER A 240 -12.35 -4.82 -1.65
CA SER A 240 -13.16 -6.04 -1.73
C SER A 240 -14.49 -5.82 -2.46
N THR A 241 -14.83 -4.58 -2.78
CA THR A 241 -15.80 -4.29 -3.79
C THR A 241 -15.20 -3.74 -5.06
N ALA A 242 -13.97 -3.22 -5.02
CA ALA A 242 -13.38 -2.72 -6.26
C ALA A 242 -12.93 -3.85 -7.15
N ASN A 243 -12.59 -5.00 -6.58
CA ASN A 243 -12.43 -6.18 -7.41
C ASN A 243 -13.78 -6.67 -7.90
N LYS A 244 -14.81 -6.55 -7.05
CA LYS A 244 -16.12 -7.09 -7.37
C LYS A 244 -16.79 -6.30 -8.50
N ILE A 245 -16.46 -5.02 -8.64
CA ILE A 245 -17.05 -4.22 -9.71
C ILE A 245 -16.51 -4.67 -11.06
N VAL A 246 -15.19 -4.80 -11.18
CA VAL A 246 -14.63 -5.22 -12.46
C VAL A 246 -14.79 -6.70 -12.71
N TRP A 247 -15.04 -7.51 -11.67
CA TRP A 247 -15.44 -8.89 -11.93
C TRP A 247 -16.85 -8.94 -12.47
N HIS A 248 -17.71 -8.10 -11.89
CA HIS A 248 -19.15 -8.16 -12.10
C HIS A 248 -19.59 -7.41 -13.34
N SER A 249 -18.89 -6.32 -13.67
CA SER A 249 -19.11 -5.73 -14.98
C SER A 249 -18.48 -6.55 -16.08
N MET A 250 -17.55 -7.44 -15.73
CA MET A 250 -17.12 -8.47 -16.65
C MET A 250 -17.98 -9.72 -16.41
N VAL A 251 -17.54 -10.87 -16.95
CA VAL A 251 -18.40 -12.03 -17.18
C VAL A 251 -18.97 -12.58 -15.87
N GLY A 252 -20.29 -12.78 -15.86
CA GLY A 252 -21.00 -13.27 -14.69
C GLY A 252 -21.83 -14.50 -14.99
N ARG A 253 -21.29 -15.43 -15.76
CA ARG A 253 -22.07 -16.56 -16.25
C ARG A 253 -21.14 -17.77 -16.37
N GLU A 254 -21.54 -18.74 -17.20
CA GLU A 254 -20.92 -20.07 -17.26
C GLU A 254 -19.46 -20.05 -17.69
N ASP A 255 -18.98 -18.96 -18.28
CA ASP A 255 -17.66 -18.92 -18.92
C ASP A 255 -16.53 -19.10 -17.91
N LEU A 256 -15.36 -19.47 -18.44
CA LEU A 256 -14.20 -19.81 -17.63
C LEU A 256 -13.35 -18.58 -17.36
N VAL A 257 -12.68 -18.57 -16.22
CA VAL A 257 -11.92 -17.40 -15.79
C VAL A 257 -10.59 -17.85 -15.19
N LEU A 258 -9.48 -17.28 -15.68
CA LEU A 258 -8.15 -17.62 -15.18
C LEU A 258 -7.86 -16.80 -13.94
N VAL A 259 -7.75 -17.48 -12.80
CA VAL A 259 -7.43 -16.85 -11.52
C VAL A 259 -6.14 -17.46 -10.99
N ASP A 260 -5.39 -16.67 -10.23
CA ASP A 260 -4.19 -17.21 -9.60
C ASP A 260 -4.58 -17.77 -8.24
N ARG A 261 -3.60 -18.31 -7.52
CA ARG A 261 -3.89 -18.75 -6.17
C ARG A 261 -2.98 -18.01 -5.21
N ASN A 262 -2.90 -16.70 -5.36
CA ASN A 262 -2.43 -15.80 -4.32
C ASN A 262 -3.44 -14.67 -4.16
N CYS A 263 -4.67 -14.98 -4.49
CA CYS A 263 -5.76 -14.00 -4.47
C CYS A 263 -6.07 -13.73 -3.00
N HIS A 264 -6.68 -12.59 -2.72
CA HIS A 264 -7.13 -12.33 -1.36
C HIS A 264 -8.46 -13.04 -1.14
N LYS A 265 -9.04 -12.88 0.05
CA LYS A 265 -10.34 -13.48 0.31
C LYS A 265 -11.47 -12.68 -0.33
N SER A 266 -11.15 -11.64 -1.09
CA SER A 266 -12.10 -10.84 -1.84
C SER A 266 -12.30 -11.35 -3.24
N ILE A 267 -11.32 -12.03 -3.81
CA ILE A 267 -11.38 -12.38 -5.22
C ILE A 267 -12.21 -13.63 -5.42
N LEU A 268 -12.11 -14.61 -4.52
CA LEU A 268 -13.02 -15.75 -4.60
C LEU A 268 -14.45 -15.36 -4.26
N HIS A 269 -14.62 -14.41 -3.32
CA HIS A 269 -15.92 -13.84 -3.06
C HIS A 269 -16.50 -13.18 -4.30
N SER A 270 -15.67 -12.51 -5.07
CA SER A 270 -16.14 -11.94 -6.32
C SER A 270 -16.34 -12.98 -7.42
N ILE A 271 -15.73 -14.17 -7.29
CA ILE A 271 -16.12 -15.28 -8.14
C ILE A 271 -17.54 -15.71 -7.85
N ILE A 272 -17.89 -15.79 -6.56
CA ILE A 272 -19.22 -16.26 -6.14
C ILE A 272 -20.33 -15.32 -6.62
N MET A 273 -20.09 -14.01 -6.57
CA MET A 273 -21.02 -13.05 -7.18
C MET A 273 -21.05 -13.14 -8.69
N THR A 274 -19.97 -13.58 -9.31
CA THR A 274 -20.00 -13.76 -10.76
C THR A 274 -20.80 -14.98 -11.14
N GLY A 275 -20.45 -16.13 -10.58
CA GLY A 275 -21.10 -17.37 -10.94
C GLY A 275 -20.33 -18.23 -11.91
N ALA A 276 -19.03 -18.01 -12.04
CA ALA A 276 -18.22 -18.64 -13.07
C ALA A 276 -17.33 -19.72 -12.49
N ILE A 277 -17.02 -20.70 -13.32
CA ILE A 277 -16.07 -21.74 -12.95
C ILE A 277 -14.67 -21.23 -13.23
N PRO A 278 -13.78 -21.25 -12.26
CA PRO A 278 -12.45 -20.68 -12.46
C PRO A 278 -11.39 -21.70 -12.83
N LEU A 279 -10.23 -21.22 -13.29
CA LEU A 279 -9.04 -22.04 -13.48
C LEU A 279 -7.92 -21.45 -12.66
N TYR A 280 -7.12 -22.31 -12.05
CA TYR A 280 -6.13 -21.90 -11.05
C TYR A 280 -4.72 -22.13 -11.54
N LEU A 281 -3.82 -21.22 -11.17
CA LEU A 281 -2.40 -21.30 -11.48
C LEU A 281 -1.63 -21.11 -10.17
N THR A 282 -1.39 -22.19 -9.45
CA THR A 282 -0.70 -22.11 -8.18
C THR A 282 0.78 -21.86 -8.39
N PRO A 283 1.35 -20.81 -7.81
CA PRO A 283 2.79 -20.55 -7.97
C PRO A 283 3.60 -21.47 -7.07
N GLU A 284 4.89 -21.58 -7.40
CA GLU A 284 5.82 -22.34 -6.60
C GLU A 284 6.52 -21.41 -5.61
N ARG A 285 6.86 -21.97 -4.45
CA ARG A 285 7.48 -21.22 -3.37
C ARG A 285 8.84 -21.81 -3.04
N ASN A 286 9.51 -21.16 -2.09
CA ASN A 286 10.80 -21.62 -1.62
C ASN A 286 10.62 -22.53 -0.41
N GLU A 287 11.70 -22.76 0.33
CA GLU A 287 11.70 -23.60 1.51
C GLU A 287 11.71 -22.77 2.80
N LEU A 288 11.13 -21.58 2.76
CA LEU A 288 11.11 -20.69 3.92
C LEU A 288 9.68 -20.36 4.31
N GLY A 289 8.80 -20.22 3.32
CA GLY A 289 7.41 -19.91 3.59
C GLY A 289 6.94 -18.74 2.76
N ILE A 290 7.88 -18.08 2.07
CA ILE A 290 7.55 -16.95 1.23
C ILE A 290 6.77 -17.45 0.03
N ILE A 291 5.57 -16.90 -0.17
CA ILE A 291 4.79 -17.23 -1.35
C ILE A 291 5.52 -16.70 -2.58
N GLY A 292 5.90 -17.61 -3.47
CA GLY A 292 6.75 -17.26 -4.57
C GLY A 292 5.98 -16.76 -5.77
N PRO A 293 6.70 -16.50 -6.86
CA PRO A 293 6.07 -15.93 -8.05
C PRO A 293 5.51 -17.01 -8.97
N ILE A 294 4.74 -16.55 -9.95
CA ILE A 294 4.05 -17.43 -10.89
C ILE A 294 5.02 -17.73 -12.03
N PRO A 295 4.92 -18.90 -12.69
CA PRO A 295 5.66 -19.09 -13.94
C PRO A 295 4.90 -18.46 -15.10
N LEU A 296 5.63 -17.75 -15.96
CA LEU A 296 4.99 -17.23 -17.15
C LEU A 296 4.74 -18.29 -18.21
N SER A 297 5.31 -19.50 -18.04
CA SER A 297 5.00 -20.59 -18.95
C SER A 297 3.60 -21.12 -18.79
N GLU A 298 2.92 -20.80 -17.68
CA GLU A 298 1.50 -21.11 -17.51
C GLU A 298 0.60 -20.06 -18.13
N PHE A 299 1.14 -19.19 -18.97
CA PHE A 299 0.40 -18.10 -19.56
C PHE A 299 0.37 -18.17 -21.08
N SER A 300 1.17 -19.03 -21.69
CA SER A 300 1.14 -19.20 -23.13
C SER A 300 -0.10 -19.98 -23.56
N LYS A 301 -0.37 -19.97 -24.86
CA LYS A 301 -1.58 -20.58 -25.39
C LYS A 301 -1.40 -22.09 -25.65
N GLU A 302 -0.85 -22.80 -24.67
CA GLU A 302 -1.02 -24.25 -24.55
C GLU A 302 -1.25 -24.70 -23.11
N SER A 303 -0.70 -23.98 -22.13
CA SER A 303 -0.81 -24.39 -20.74
C SER A 303 -2.21 -24.18 -20.18
N ILE A 304 -2.82 -23.03 -20.46
CA ILE A 304 -4.21 -22.83 -20.06
C ILE A 304 -5.17 -23.64 -20.90
N ALA A 305 -4.79 -24.02 -22.13
CA ALA A 305 -5.60 -24.97 -22.89
C ALA A 305 -5.55 -26.36 -22.28
N ALA A 306 -4.42 -26.72 -21.67
CA ALA A 306 -4.37 -27.91 -20.84
C ALA A 306 -5.15 -27.75 -19.55
N LYS A 307 -5.20 -26.54 -18.99
CA LYS A 307 -6.02 -26.27 -17.81
C LYS A 307 -7.51 -26.35 -18.08
N ILE A 308 -7.93 -26.06 -19.32
CA ILE A 308 -9.34 -26.14 -19.69
C ILE A 308 -9.85 -27.57 -19.55
N ALA A 309 -9.07 -28.54 -20.04
CA ALA A 309 -9.43 -29.94 -19.88
C ALA A 309 -9.23 -30.43 -18.45
N ALA A 310 -8.48 -29.68 -17.63
CA ALA A 310 -8.24 -30.06 -16.25
C ALA A 310 -9.40 -29.68 -15.32
N SER A 311 -10.38 -28.93 -15.80
CA SER A 311 -11.53 -28.56 -15.00
C SER A 311 -12.43 -29.77 -14.79
N PRO A 312 -12.59 -30.27 -13.57
CA PRO A 312 -13.27 -31.56 -13.38
C PRO A 312 -14.77 -31.50 -13.57
N LEU A 313 -15.41 -30.45 -13.02
CA LEU A 313 -16.86 -30.41 -12.97
C LEU A 313 -17.46 -29.96 -14.30
N ALA A 314 -17.18 -28.72 -14.70
CA ALA A 314 -17.69 -28.16 -15.94
C ALA A 314 -16.50 -27.89 -16.86
N ARG A 315 -16.58 -28.37 -18.08
CA ARG A 315 -15.53 -28.20 -19.07
C ARG A 315 -16.07 -27.33 -20.18
N GLY A 316 -15.65 -26.06 -20.20
CA GLY A 316 -16.00 -25.19 -21.28
C GLY A 316 -15.36 -25.62 -22.58
N ARG A 317 -15.95 -25.17 -23.69
CA ARG A 317 -15.54 -25.60 -25.02
C ARG A 317 -14.55 -24.61 -25.62
N GLU A 318 -13.39 -24.51 -24.93
CA GLU A 318 -12.25 -23.64 -25.22
C GLU A 318 -12.71 -22.19 -25.37
N PRO A 319 -12.95 -21.48 -24.26
CA PRO A 319 -13.26 -20.06 -24.38
C PRO A 319 -12.00 -19.23 -24.53
N LYS A 320 -12.20 -18.01 -25.00
CA LYS A 320 -11.21 -16.97 -24.75
C LYS A 320 -11.30 -16.68 -23.26
N VAL A 321 -10.37 -17.24 -22.50
CA VAL A 321 -10.48 -17.36 -21.05
C VAL A 321 -10.39 -15.97 -20.43
N LYS A 322 -11.44 -15.55 -19.75
CA LYS A 322 -11.63 -14.16 -19.41
C LYS A 322 -11.06 -13.83 -18.05
N LEU A 323 -10.79 -12.54 -17.84
CA LEU A 323 -10.66 -11.89 -16.53
C LEU A 323 -9.49 -12.48 -15.74
N ALA A 324 -8.30 -12.25 -16.25
CA ALA A 324 -7.10 -12.76 -15.60
C ALA A 324 -6.76 -11.90 -14.39
N VAL A 325 -6.83 -12.49 -13.20
CA VAL A 325 -6.46 -11.81 -11.98
C VAL A 325 -5.14 -12.40 -11.48
N VAL A 326 -4.21 -11.52 -11.13
CA VAL A 326 -2.94 -11.90 -10.55
C VAL A 326 -2.50 -10.79 -9.63
N THR A 327 -2.19 -11.13 -8.37
CA THR A 327 -1.86 -10.11 -7.39
C THR A 327 -0.48 -9.55 -7.69
N ASN A 328 -0.44 -8.53 -8.55
CA ASN A 328 0.76 -7.75 -8.77
C ASN A 328 1.25 -7.16 -7.47
N SER A 329 2.56 -7.31 -7.23
CA SER A 329 3.22 -7.02 -5.95
C SER A 329 2.55 -7.79 -4.82
N THR A 330 2.84 -9.08 -4.78
CA THR A 330 2.43 -9.93 -3.68
C THR A 330 2.99 -9.41 -2.36
N TYR A 331 2.49 -10.01 -1.27
CA TYR A 331 2.55 -9.48 0.09
C TYR A 331 3.95 -9.07 0.54
N ASP A 332 4.98 -9.80 0.10
CA ASP A 332 6.37 -9.55 0.49
C ASP A 332 7.18 -8.84 -0.60
N GLY A 333 6.52 -8.18 -1.54
CA GLY A 333 7.24 -7.39 -2.53
C GLY A 333 7.81 -8.17 -3.68
N LEU A 334 6.97 -8.80 -4.49
CA LEU A 334 7.41 -9.41 -5.73
C LEU A 334 6.61 -8.76 -6.85
N CYS A 335 7.06 -7.59 -7.27
CA CYS A 335 6.41 -6.89 -8.36
C CYS A 335 6.67 -7.62 -9.66
N TYR A 336 5.62 -8.03 -10.33
CA TYR A 336 5.83 -8.78 -11.56
C TYR A 336 6.13 -7.81 -12.70
N ASN A 337 6.44 -8.38 -13.85
CA ASN A 337 6.50 -7.62 -15.08
C ASN A 337 5.10 -7.64 -15.68
N ALA A 338 4.40 -6.52 -15.56
CA ALA A 338 3.08 -6.41 -16.16
C ALA A 338 3.16 -6.50 -17.68
N GLU A 339 4.22 -5.93 -18.27
CA GLU A 339 4.43 -6.04 -19.71
C GLU A 339 4.73 -7.47 -20.12
N LEU A 340 5.40 -8.26 -19.28
CA LEU A 340 5.58 -9.66 -19.63
C LEU A 340 4.39 -10.52 -19.27
N ILE A 341 3.39 -9.99 -18.56
CA ILE A 341 2.10 -10.67 -18.55
C ILE A 341 1.32 -10.33 -19.81
N LYS A 342 1.45 -9.08 -20.27
CA LYS A 342 0.82 -8.65 -21.52
C LYS A 342 1.32 -9.47 -22.71
N GLN A 343 2.64 -9.48 -22.93
CA GLN A 343 3.23 -10.13 -24.08
C GLN A 343 3.11 -11.65 -24.03
N THR A 344 2.82 -12.22 -22.86
CA THR A 344 2.59 -13.65 -22.76
C THR A 344 1.12 -14.02 -22.82
N LEU A 345 0.22 -13.08 -22.50
CA LEU A 345 -1.17 -13.44 -22.25
C LEU A 345 -2.18 -12.83 -23.21
N GLY A 346 -1.86 -11.74 -23.91
CA GLY A 346 -2.85 -10.89 -24.59
C GLY A 346 -3.68 -11.58 -25.67
N ASP A 347 -3.23 -12.73 -26.17
CA ASP A 347 -3.99 -13.45 -27.20
C ASP A 347 -5.21 -14.14 -26.62
N SER A 348 -5.06 -14.81 -25.48
CA SER A 348 -6.10 -15.68 -24.94
C SER A 348 -7.02 -14.98 -23.96
N VAL A 349 -6.62 -13.84 -23.42
CA VAL A 349 -7.36 -13.14 -22.39
C VAL A 349 -7.71 -11.75 -22.91
N GLU A 350 -8.99 -11.39 -22.86
CA GLU A 350 -9.45 -10.12 -23.39
C GLU A 350 -9.73 -9.09 -22.30
N VAL A 351 -9.64 -9.46 -21.03
CA VAL A 351 -9.78 -8.53 -19.91
C VAL A 351 -8.75 -8.89 -18.85
N LEU A 352 -7.81 -8.00 -18.58
CA LEU A 352 -6.78 -8.24 -17.58
C LEU A 352 -7.12 -7.46 -16.32
N HIS A 353 -6.74 -8.03 -15.17
CA HIS A 353 -7.19 -7.53 -13.88
C HIS A 353 -6.03 -7.62 -12.89
N PHE A 354 -5.27 -6.55 -12.80
CA PHE A 354 -4.14 -6.50 -11.87
C PHE A 354 -4.63 -5.99 -10.52
N ASP A 355 -4.70 -6.86 -9.52
CA ASP A 355 -5.05 -6.42 -8.18
C ASP A 355 -3.81 -5.76 -7.57
N GLU A 356 -3.52 -4.55 -8.03
CA GLU A 356 -2.36 -3.82 -7.56
C GLU A 356 -2.63 -3.27 -6.18
N ALA A 357 -2.77 -4.13 -5.19
CA ALA A 357 -3.24 -3.67 -3.89
C ALA A 357 -2.15 -2.91 -3.15
N TRP A 358 -1.03 -3.56 -2.91
CA TRP A 358 0.11 -2.91 -2.31
C TRP A 358 0.98 -2.22 -3.36
N TYR A 359 0.65 -2.38 -4.63
CA TYR A 359 1.36 -1.78 -5.75
C TYR A 359 0.69 -0.48 -6.15
N ALA A 360 0.46 0.36 -5.13
CA ALA A 360 -0.31 1.58 -5.33
C ALA A 360 0.58 2.68 -5.88
N TYR A 361 1.84 2.72 -5.45
CA TYR A 361 2.80 3.74 -5.84
C TYR A 361 3.51 3.45 -7.14
N ALA A 362 3.04 2.47 -7.90
CA ALA A 362 3.87 1.92 -8.96
C ALA A 362 3.99 2.84 -10.16
N ALA A 363 3.04 3.75 -10.35
CA ALA A 363 3.05 4.64 -11.49
C ALA A 363 3.90 5.88 -11.28
N PHE A 364 4.53 6.02 -10.13
CA PHE A 364 5.24 7.25 -9.82
C PHE A 364 6.69 6.98 -9.48
N HIS A 365 7.35 6.12 -10.25
CA HIS A 365 8.79 6.05 -10.16
C HIS A 365 9.35 5.65 -11.50
N GLU A 366 10.66 5.78 -11.63
CA GLU A 366 11.38 5.28 -12.78
C GLU A 366 11.87 3.86 -12.56
N PHE A 367 11.45 3.22 -11.47
CA PHE A 367 11.92 1.89 -11.12
C PHE A 367 10.94 0.79 -11.56
N TYR A 368 9.64 1.06 -11.50
CA TYR A 368 8.62 0.09 -11.88
C TYR A 368 8.14 0.29 -13.32
N ASP A 369 9.03 0.69 -14.22
CA ASP A 369 8.60 1.04 -15.56
C ASP A 369 8.30 -0.20 -16.39
N GLY A 370 7.15 -0.21 -17.03
CA GLY A 370 6.64 -1.39 -17.72
C GLY A 370 6.11 -2.44 -16.79
N ARG A 371 6.09 -2.18 -15.49
CA ARG A 371 5.89 -3.17 -14.46
C ARG A 371 4.56 -3.02 -13.75
N TYR A 372 3.83 -1.94 -14.01
CA TYR A 372 2.46 -1.78 -13.52
C TYR A 372 1.51 -1.77 -14.70
N GLY A 373 0.30 -2.32 -14.48
CA GLY A 373 -0.66 -2.59 -15.54
C GLY A 373 -1.17 -1.36 -16.27
N MET A 374 -0.89 -0.17 -15.77
CA MET A 374 -1.22 1.02 -16.53
C MET A 374 -0.09 1.45 -17.46
N GLY A 375 1.15 1.13 -17.14
CA GLY A 375 2.21 1.37 -18.09
C GLY A 375 2.47 0.09 -18.85
N THR A 376 1.82 -0.07 -20.01
CA THR A 376 2.01 -1.23 -20.86
C THR A 376 2.18 -0.88 -22.32
N SER A 377 2.02 0.39 -22.71
CA SER A 377 2.13 0.88 -24.10
C SER A 377 1.14 0.15 -25.01
N ARG A 378 -0.13 0.52 -24.82
CA ARG A 378 -1.34 -0.12 -25.36
C ARG A 378 -1.21 -0.53 -26.82
N SER A 379 -1.39 -1.82 -27.07
CA SER A 379 -1.15 -2.43 -28.37
C SER A 379 -2.47 -2.78 -29.05
N GLU A 380 -2.35 -3.26 -30.28
CA GLU A 380 -3.51 -3.62 -31.10
C GLU A 380 -3.78 -5.12 -30.98
N GLU A 381 -4.21 -5.49 -29.79
CA GLU A 381 -4.69 -6.85 -29.52
C GLU A 381 -5.98 -6.86 -28.70
N GLY A 382 -6.26 -5.81 -27.93
CA GLY A 382 -7.45 -5.71 -27.11
C GLY A 382 -7.34 -6.41 -25.76
N PRO A 383 -6.44 -5.94 -24.88
CA PRO A 383 -6.25 -6.66 -23.61
C PRO A 383 -7.13 -6.24 -22.45
N LEU A 384 -7.56 -4.98 -22.38
CA LEU A 384 -8.40 -4.40 -21.31
C LEU A 384 -7.85 -4.70 -19.91
N VAL A 385 -6.73 -4.07 -19.59
CA VAL A 385 -6.12 -4.26 -18.28
C VAL A 385 -6.77 -3.35 -17.25
N PHE A 386 -7.36 -3.95 -16.23
CA PHE A 386 -7.94 -3.24 -15.09
C PHE A 386 -6.95 -3.28 -13.95
N ALA A 387 -6.78 -2.16 -13.25
CA ALA A 387 -5.82 -2.09 -12.16
C ALA A 387 -6.53 -1.60 -10.93
N THR A 388 -7.08 -2.52 -10.14
CA THR A 388 -7.90 -2.15 -8.99
C THR A 388 -7.01 -1.89 -7.80
N HIS A 389 -6.62 -0.64 -7.64
CA HIS A 389 -5.74 -0.24 -6.57
C HIS A 389 -6.45 -0.36 -5.22
N SER A 390 -5.64 -0.34 -4.17
CA SER A 390 -6.14 -0.38 -2.81
C SER A 390 -5.35 0.68 -2.08
N THR A 391 -5.77 1.92 -2.21
CA THR A 391 -4.92 3.00 -1.75
C THR A 391 -5.24 3.41 -0.34
N HIS A 392 -5.58 2.48 0.53
CA HIS A 392 -5.69 2.84 1.93
C HIS A 392 -4.58 2.22 2.74
N LYS A 393 -4.02 1.22 1.89
CA LYS A 393 -2.61 0.94 2.18
C LYS A 393 -1.68 1.51 1.16
N MET A 394 -0.41 1.68 1.53
CA MET A 394 0.61 2.36 0.73
C MET A 394 0.22 3.79 0.41
N LEU A 395 -0.14 4.06 -0.85
CA LEU A 395 -0.37 5.42 -1.32
C LEU A 395 -1.59 6.00 -0.62
N ALA A 396 -1.35 6.94 0.29
CA ALA A 396 -2.22 7.13 1.44
C ALA A 396 -3.51 7.87 1.08
N ALA A 397 -4.59 7.14 0.89
CA ALA A 397 -5.91 7.71 0.96
C ALA A 397 -6.58 7.26 2.25
N PHE A 398 -7.83 7.67 2.43
CA PHE A 398 -8.62 7.20 3.55
C PHE A 398 -8.98 5.74 3.38
N SER A 399 -9.53 5.17 4.46
CA SER A 399 -9.92 3.78 4.48
C SER A 399 -10.99 3.51 3.43
N GLN A 400 -10.97 2.30 2.89
CA GLN A 400 -11.84 1.78 1.85
C GLN A 400 -11.73 2.50 0.51
N ALA A 401 -10.85 3.48 0.36
CA ALA A 401 -10.75 4.20 -0.90
C ALA A 401 -9.99 3.37 -1.90
N SER A 402 -10.55 3.18 -3.09
CA SER A 402 -9.95 2.32 -4.08
C SER A 402 -10.24 2.88 -5.46
N MET A 403 -9.21 3.26 -6.19
CA MET A 403 -9.43 3.63 -7.58
C MET A 403 -9.56 2.37 -8.43
N ILE A 404 -10.06 2.54 -9.65
CA ILE A 404 -10.02 1.48 -10.65
C ILE A 404 -9.56 2.11 -11.94
N HIS A 405 -8.44 1.63 -12.47
CA HIS A 405 -7.82 2.22 -13.65
C HIS A 405 -8.11 1.35 -14.86
N VAL A 406 -8.67 1.95 -15.91
CA VAL A 406 -8.99 1.23 -17.15
C VAL A 406 -8.26 1.91 -18.30
N GLN A 407 -7.70 1.10 -19.20
CA GLN A 407 -7.24 1.59 -20.48
C GLN A 407 -7.70 0.62 -21.57
N ASP A 408 -8.06 1.17 -22.73
CA ASP A 408 -8.73 0.38 -23.76
C ASP A 408 -7.70 -0.25 -24.69
N GLY A 409 -8.15 -0.68 -25.85
CA GLY A 409 -7.28 -1.16 -26.90
C GLY A 409 -8.02 -2.19 -27.73
N GLY A 410 -7.63 -2.29 -29.00
CA GLY A 410 -8.04 -3.37 -29.87
C GLY A 410 -9.52 -3.48 -30.19
N THR A 411 -10.15 -4.54 -29.71
CA THR A 411 -11.46 -4.95 -30.17
C THR A 411 -12.60 -4.67 -29.20
N ARG A 412 -12.30 -4.36 -27.94
CA ARG A 412 -13.32 -4.17 -26.92
C ARG A 412 -13.05 -2.88 -26.17
N LYS A 413 -13.90 -1.88 -26.35
CA LYS A 413 -13.85 -0.69 -25.52
C LYS A 413 -14.94 -0.70 -24.46
N LEU A 414 -16.22 -0.71 -24.89
CA LEU A 414 -17.43 -1.02 -24.12
C LEU A 414 -17.65 -0.29 -22.79
N ASP A 415 -16.88 0.76 -22.53
CA ASP A 415 -16.83 1.34 -21.19
C ASP A 415 -17.49 2.71 -21.13
N VAL A 416 -18.29 3.06 -22.13
CA VAL A 416 -18.92 4.39 -22.14
C VAL A 416 -20.01 4.45 -21.10
N ALA A 417 -21.02 3.59 -21.22
CA ALA A 417 -22.11 3.53 -20.25
C ALA A 417 -22.37 2.13 -19.73
N ARG A 418 -21.96 1.08 -20.43
CA ARG A 418 -22.21 -0.28 -19.98
C ARG A 418 -21.36 -0.65 -18.78
N PHE A 419 -20.30 0.09 -18.48
CA PHE A 419 -19.61 -0.11 -17.22
C PHE A 419 -20.30 0.61 -16.09
N ASN A 420 -20.94 1.75 -16.36
CA ASN A 420 -21.56 2.51 -15.29
C ASN A 420 -22.83 1.85 -14.79
N GLU A 421 -23.49 1.05 -15.62
CA GLU A 421 -24.69 0.34 -15.24
C GLU A 421 -24.39 -0.98 -14.52
N ALA A 422 -23.11 -1.25 -14.27
CA ALA A 422 -22.69 -2.25 -13.30
C ALA A 422 -21.75 -1.68 -12.26
N PHE A 423 -21.29 -0.44 -12.42
CA PHE A 423 -20.60 0.25 -11.35
C PHE A 423 -21.56 0.69 -10.27
N MET A 424 -22.83 0.88 -10.62
CA MET A 424 -23.79 1.37 -9.64
C MET A 424 -24.15 0.32 -8.60
N MET A 425 -24.24 -0.94 -9.01
CA MET A 425 -24.80 -1.95 -8.13
C MET A 425 -23.79 -2.53 -7.15
N HIS A 426 -22.69 -1.84 -6.87
CA HIS A 426 -21.85 -2.23 -5.76
C HIS A 426 -21.40 -1.05 -4.92
N ILE A 427 -21.82 0.16 -5.26
CA ILE A 427 -21.48 1.34 -4.49
C ILE A 427 -22.77 1.92 -3.94
N SER A 428 -22.69 2.54 -2.76
CA SER A 428 -23.87 3.11 -2.14
C SER A 428 -24.25 4.41 -2.83
N THR A 429 -25.36 4.98 -2.41
CA THR A 429 -25.86 6.22 -2.99
C THR A 429 -25.67 7.39 -2.02
N SER A 430 -24.55 7.40 -1.30
CA SER A 430 -24.23 8.46 -0.35
C SER A 430 -22.88 9.08 -0.73
N PRO A 431 -22.87 9.93 -1.73
CA PRO A 431 -21.59 10.48 -2.22
C PRO A 431 -21.21 11.81 -1.57
N GLN A 432 -20.18 12.44 -2.16
CA GLN A 432 -19.68 13.79 -1.92
C GLN A 432 -18.92 13.96 -0.62
N TYR A 433 -18.12 12.97 -0.26
CA TYR A 433 -17.63 12.99 1.11
C TYR A 433 -16.16 12.61 1.11
N GLY A 434 -15.63 12.34 2.31
CA GLY A 434 -14.21 12.37 2.53
C GLY A 434 -13.44 11.32 1.77
N ILE A 435 -13.96 10.09 1.74
CA ILE A 435 -13.29 9.01 1.06
C ILE A 435 -13.24 9.22 -0.46
N ILE A 436 -14.19 9.95 -1.05
CA ILE A 436 -13.98 10.36 -2.43
C ILE A 436 -13.05 11.55 -2.46
N ALA A 437 -13.07 12.38 -1.43
CA ALA A 437 -12.20 13.56 -1.43
C ALA A 437 -10.77 13.18 -1.11
N SER A 438 -10.60 12.18 -0.24
CA SER A 438 -9.25 11.72 0.09
C SER A 438 -8.61 11.04 -1.09
N LEU A 439 -9.39 10.27 -1.84
CA LEU A 439 -8.90 9.53 -2.98
C LEU A 439 -8.54 10.44 -4.15
N ASP A 440 -8.89 11.71 -4.10
CA ASP A 440 -8.38 12.71 -5.01
C ASP A 440 -7.24 13.52 -4.42
N VAL A 441 -6.94 13.37 -3.13
CA VAL A 441 -5.68 13.91 -2.62
C VAL A 441 -4.55 12.90 -2.80
N ALA A 442 -4.83 11.62 -2.63
CA ALA A 442 -3.85 10.58 -2.90
C ALA A 442 -3.56 10.39 -4.38
N SER A 443 -4.31 11.04 -5.27
CA SER A 443 -3.91 11.14 -6.66
C SER A 443 -3.48 12.54 -7.02
N ALA A 444 -3.47 13.45 -6.05
CA ALA A 444 -2.88 14.75 -6.26
C ALA A 444 -1.69 15.03 -5.35
N MET A 445 -1.34 14.09 -4.47
CA MET A 445 -0.02 14.13 -3.88
C MET A 445 1.05 13.64 -4.84
N MET A 446 0.65 13.04 -5.96
CA MET A 446 1.57 12.45 -6.93
C MET A 446 1.50 13.14 -8.28
N GLU A 447 1.27 14.45 -8.29
CA GLU A 447 1.16 15.20 -9.54
C GLU A 447 2.55 15.40 -10.12
N GLY A 448 2.92 14.59 -11.11
CA GLY A 448 4.19 14.72 -11.78
C GLY A 448 5.36 14.31 -10.92
N PRO A 449 6.29 15.25 -10.67
CA PRO A 449 7.46 14.92 -9.87
C PRO A 449 7.23 15.16 -8.39
N ALA A 450 5.98 15.38 -8.00
CA ALA A 450 5.67 15.60 -6.61
C ALA A 450 5.73 14.32 -5.80
N GLY A 451 5.41 13.20 -6.42
CA GLY A 451 5.37 11.94 -5.72
C GLY A 451 6.48 11.00 -6.15
N ARG A 452 7.03 11.26 -7.33
CA ARG A 452 8.23 10.55 -7.75
C ARG A 452 9.38 10.84 -6.79
N SER A 453 9.48 12.07 -6.32
CA SER A 453 10.39 12.42 -5.24
C SER A 453 9.78 12.23 -3.88
N LEU A 454 8.71 11.45 -3.76
CA LEU A 454 8.19 11.04 -2.46
C LEU A 454 8.40 9.56 -2.18
N ILE A 455 8.17 8.69 -3.15
CA ILE A 455 8.53 7.30 -2.92
C ILE A 455 10.00 7.07 -3.18
N GLN A 456 10.70 8.04 -3.76
CA GLN A 456 12.16 8.02 -3.72
C GLN A 456 12.65 8.28 -2.31
N GLU A 457 11.84 8.96 -1.49
CA GLU A 457 12.21 9.15 -0.11
C GLU A 457 11.99 7.90 0.70
N THR A 458 10.94 7.13 0.41
CA THR A 458 10.72 5.93 1.22
C THR A 458 11.68 4.81 0.85
N PHE A 459 12.34 4.88 -0.31
CA PHE A 459 13.48 4.01 -0.53
C PHE A 459 14.64 4.42 0.35
N ASP A 460 14.81 5.73 0.54
CA ASP A 460 15.88 6.25 1.37
C ASP A 460 15.67 5.94 2.85
N GLU A 461 14.46 5.59 3.25
CA GLU A 461 14.26 5.09 4.60
C GLU A 461 14.35 3.58 4.62
N ALA A 462 14.17 2.93 3.47
CA ALA A 462 14.19 1.48 3.45
C ALA A 462 15.54 0.94 2.98
N LEU A 463 16.17 1.57 1.98
CA LEU A 463 17.52 1.19 1.64
C LEU A 463 18.56 1.84 2.53
N SER A 464 18.15 2.64 3.50
CA SER A 464 18.98 2.94 4.65
C SER A 464 18.41 2.33 5.91
N PHE A 465 17.53 1.35 5.77
CA PHE A 465 17.30 0.37 6.82
C PHE A 465 17.97 -0.94 6.47
N ARG A 466 17.87 -1.37 5.21
CA ARG A 466 18.52 -2.59 4.75
C ARG A 466 20.03 -2.49 4.80
N ARG A 467 20.56 -1.28 4.67
CA ARG A 467 21.97 -1.05 4.95
C ARG A 467 22.24 -1.26 6.44
N ALA A 468 21.63 -0.45 7.30
CA ALA A 468 21.97 -0.41 8.71
C ALA A 468 21.31 -1.49 9.53
N LEU A 469 20.79 -2.53 8.90
CA LEU A 469 20.44 -3.75 9.62
C LEU A 469 21.42 -4.88 9.35
N ALA A 470 21.95 -4.96 8.13
CA ALA A 470 23.10 -5.81 7.89
C ALA A 470 24.40 -5.14 8.30
N ASN A 471 24.36 -3.84 8.63
CA ASN A 471 25.51 -3.13 9.19
C ASN A 471 25.55 -3.21 10.71
N VAL A 472 24.82 -4.16 11.30
CA VAL A 472 25.14 -4.63 12.63
C VAL A 472 25.85 -5.97 12.56
N ARG A 473 25.90 -6.60 11.38
CA ARG A 473 26.68 -7.82 11.18
C ARG A 473 28.17 -7.58 11.12
N GLN A 474 28.61 -6.32 11.05
CA GLN A 474 30.02 -5.99 11.23
C GLN A 474 30.42 -5.98 12.70
N ASN A 475 29.47 -6.01 13.62
CA ASN A 475 29.72 -6.16 15.04
C ASN A 475 29.93 -7.63 15.38
N LEU A 476 29.81 -7.98 16.67
CA LEU A 476 30.11 -9.34 17.14
C LEU A 476 29.14 -10.34 16.52
N ASP A 477 29.65 -11.05 15.53
CA ASP A 477 28.92 -11.99 14.67
C ASP A 477 29.79 -13.20 14.38
N ARG A 478 30.21 -13.86 15.48
CA ARG A 478 31.25 -14.89 15.53
C ARG A 478 31.12 -15.93 14.41
N ASN A 479 30.00 -16.65 14.34
CA ASN A 479 29.81 -17.57 13.22
C ASN A 479 28.66 -17.15 12.32
N ASP A 480 27.42 -17.19 12.82
CA ASP A 480 26.25 -16.67 12.11
C ASP A 480 25.14 -16.54 13.14
N TRP A 481 24.83 -15.31 13.57
CA TRP A 481 23.72 -15.17 14.51
C TRP A 481 23.10 -13.78 14.35
N TRP A 482 22.14 -13.66 13.43
CA TRP A 482 21.35 -12.46 13.20
C TRP A 482 20.23 -12.80 12.23
N PHE A 483 19.21 -11.94 12.22
CA PHE A 483 18.14 -12.01 11.25
C PHE A 483 18.70 -11.87 9.84
N GLY A 484 18.48 -12.89 9.03
CA GLY A 484 18.94 -12.82 7.67
C GLY A 484 17.99 -11.97 6.85
N VAL A 485 18.39 -10.74 6.54
CA VAL A 485 17.60 -9.93 5.62
C VAL A 485 17.67 -10.59 4.25
N TRP A 486 16.61 -10.41 3.45
CA TRP A 486 16.50 -11.13 2.19
C TRP A 486 17.20 -10.38 1.05
N GLN A 487 18.21 -9.56 1.37
CA GLN A 487 19.14 -9.00 0.39
C GLN A 487 20.60 -9.20 0.81
N PRO A 488 21.04 -10.44 1.09
CA PRO A 488 22.37 -10.60 1.71
C PRO A 488 23.55 -10.44 0.76
N GLU A 489 23.31 -10.33 -0.54
CA GLU A 489 24.32 -10.19 -1.56
C GLU A 489 24.57 -8.71 -1.84
N GLN A 490 25.11 -8.41 -3.02
CA GLN A 490 25.69 -7.16 -3.50
C GLN A 490 24.94 -5.87 -3.18
N VAL A 491 23.64 -5.96 -2.93
CA VAL A 491 22.78 -4.79 -2.86
C VAL A 491 22.70 -4.24 -1.45
N GLU A 492 23.63 -4.66 -0.59
CA GLU A 492 23.72 -4.17 0.78
C GLU A 492 24.20 -2.73 0.77
N GLY A 493 23.28 -1.79 0.95
CA GLY A 493 23.63 -0.39 1.06
C GLY A 493 22.77 0.49 0.16
N THR A 494 22.76 1.78 0.48
CA THR A 494 21.94 2.77 -0.22
C THR A 494 22.59 3.32 -1.48
N ASP A 495 23.05 2.42 -2.37
CA ASP A 495 23.87 2.86 -3.49
C ASP A 495 23.03 3.47 -4.62
N GLN A 496 22.16 2.65 -5.23
CA GLN A 496 21.37 3.11 -6.35
C GLN A 496 20.15 2.22 -6.52
N VAL A 497 19.05 2.82 -6.96
CA VAL A 497 17.82 2.09 -7.19
C VAL A 497 17.67 1.74 -8.66
N GLY A 498 18.29 0.64 -9.07
CA GLY A 498 18.33 0.25 -10.46
C GLY A 498 17.36 -0.86 -10.78
N THR A 499 16.84 -0.84 -11.99
CA THR A 499 15.87 -1.81 -12.45
C THR A 499 16.52 -3.08 -12.98
N HIS A 500 17.81 -3.30 -12.75
CA HIS A 500 18.47 -4.52 -13.20
C HIS A 500 19.39 -5.16 -12.17
N ASP A 501 19.60 -4.54 -11.03
CA ASP A 501 20.29 -5.18 -9.93
C ASP A 501 19.35 -5.55 -8.79
N TRP A 502 18.08 -5.18 -8.89
CA TRP A 502 17.09 -5.59 -7.91
C TRP A 502 16.23 -6.73 -8.41
N VAL A 503 16.28 -7.03 -9.71
CA VAL A 503 15.59 -8.18 -10.25
C VAL A 503 16.21 -9.43 -9.68
N LEU A 504 15.37 -10.39 -9.32
CA LEU A 504 15.86 -11.71 -8.96
C LEU A 504 16.55 -12.34 -10.16
N GLU A 505 17.78 -12.80 -9.96
CA GLU A 505 18.53 -13.38 -11.04
C GLU A 505 17.98 -14.77 -11.38
N PRO A 506 17.98 -15.15 -12.65
CA PRO A 506 17.38 -16.43 -13.05
C PRO A 506 18.17 -17.61 -12.52
N SER A 507 17.46 -18.54 -11.86
CA SER A 507 18.00 -19.73 -11.21
C SER A 507 19.14 -19.40 -10.24
N ALA A 508 18.99 -18.31 -9.51
CA ALA A 508 19.99 -17.88 -8.54
C ALA A 508 19.77 -18.61 -7.21
N ASP A 509 20.44 -18.15 -6.16
CA ASP A 509 20.29 -18.79 -4.86
C ASP A 509 20.30 -17.76 -3.73
N TRP A 510 19.83 -16.55 -3.99
CA TRP A 510 19.52 -15.60 -2.94
C TRP A 510 18.02 -15.40 -2.79
N HIS A 511 17.22 -16.13 -3.57
CA HIS A 511 15.78 -16.20 -3.35
C HIS A 511 15.33 -17.63 -3.10
N GLY A 512 15.61 -18.56 -4.01
CA GLY A 512 15.18 -19.93 -3.86
C GLY A 512 14.11 -20.38 -4.84
N PHE A 513 13.47 -19.45 -5.53
CA PHE A 513 12.48 -19.81 -6.54
C PHE A 513 13.24 -20.26 -7.79
N GLY A 514 13.18 -21.55 -8.07
CA GLY A 514 13.96 -22.10 -9.17
C GLY A 514 13.36 -21.74 -10.52
N ASP A 515 14.26 -21.55 -11.50
CA ASP A 515 13.94 -21.23 -12.89
C ASP A 515 13.07 -19.99 -13.00
N ILE A 516 13.61 -18.89 -12.48
CA ILE A 516 13.02 -17.57 -12.71
C ILE A 516 13.21 -17.19 -14.18
N ALA A 517 12.15 -16.71 -14.81
CA ALA A 517 12.24 -16.31 -16.20
C ALA A 517 12.96 -14.96 -16.33
N GLU A 518 13.04 -14.47 -17.57
CA GLU A 518 13.96 -13.38 -17.90
C GLU A 518 13.36 -12.04 -17.53
N ASP A 519 13.92 -11.42 -16.47
CA ASP A 519 13.67 -10.04 -16.06
C ASP A 519 12.18 -9.81 -15.74
N TYR A 520 11.77 -10.42 -14.66
CA TYR A 520 10.37 -10.69 -14.40
C TYR A 520 9.87 -10.14 -13.08
N VAL A 521 10.69 -10.20 -12.04
CA VAL A 521 10.20 -10.20 -10.67
C VAL A 521 10.86 -9.17 -9.78
N LEU A 522 11.08 -7.93 -10.27
CA LEU A 522 11.85 -6.95 -9.51
C LEU A 522 11.32 -6.72 -8.11
N LEU A 523 12.16 -7.05 -7.14
CA LEU A 523 11.74 -7.00 -5.74
C LEU A 523 11.51 -5.56 -5.33
N ASP A 524 10.58 -5.36 -4.43
CA ASP A 524 10.25 -4.03 -3.98
C ASP A 524 11.20 -3.66 -2.85
N PRO A 525 11.99 -2.59 -2.99
CA PRO A 525 12.97 -2.24 -1.95
C PRO A 525 12.39 -1.63 -0.69
N ILE A 526 11.06 -1.56 -0.59
CA ILE A 526 10.40 -1.04 0.58
C ILE A 526 9.86 -2.16 1.49
N LYS A 527 9.45 -3.29 0.91
CA LYS A 527 8.97 -4.43 1.68
C LYS A 527 10.17 -5.29 2.07
N VAL A 528 10.87 -4.86 3.11
CA VAL A 528 12.06 -5.56 3.55
C VAL A 528 11.67 -6.86 4.25
N THR A 529 12.09 -7.98 3.67
CA THR A 529 11.59 -9.31 4.04
C THR A 529 12.55 -9.96 5.02
N LEU A 530 12.41 -9.62 6.29
CA LEU A 530 13.30 -10.18 7.30
C LEU A 530 13.02 -11.66 7.49
N THR A 531 14.07 -12.47 7.34
CA THR A 531 14.03 -13.88 7.70
C THR A 531 14.76 -14.05 9.02
N THR A 532 14.03 -14.49 10.03
CA THR A 532 14.60 -14.85 11.30
C THR A 532 15.39 -16.14 11.15
N PRO A 533 16.43 -16.37 11.95
CA PRO A 533 17.21 -17.59 11.82
C PRO A 533 16.46 -18.82 12.29
N GLY A 534 16.70 -19.94 11.61
CA GLY A 534 16.15 -21.20 12.02
C GLY A 534 15.77 -22.13 10.90
N LEU A 535 15.52 -21.59 9.71
CA LEU A 535 15.34 -22.39 8.52
C LEU A 535 16.52 -22.11 7.61
N SER A 536 17.29 -23.15 7.29
CA SER A 536 18.48 -23.01 6.49
C SER A 536 18.12 -22.98 5.00
N ALA A 537 18.99 -22.34 4.22
CA ALA A 537 18.90 -22.40 2.77
C ALA A 537 19.48 -23.68 2.20
N GLY A 538 19.98 -24.59 3.04
CA GLY A 538 20.45 -25.90 2.68
C GLY A 538 19.39 -26.96 2.59
N GLY A 539 18.14 -26.64 2.92
CA GLY A 539 17.06 -27.57 2.71
C GLY A 539 16.08 -27.80 3.84
N LYS A 540 16.55 -27.82 5.08
CA LYS A 540 15.67 -28.15 6.20
C LYS A 540 16.20 -27.46 7.45
N LEU A 541 15.47 -27.58 8.55
CA LEU A 541 15.63 -26.74 9.72
C LEU A 541 16.90 -27.08 10.48
N SER A 542 17.59 -26.04 10.93
CA SER A 542 18.66 -26.18 11.91
C SER A 542 18.12 -25.79 13.27
N GLU A 543 18.75 -26.29 14.32
CA GLU A 543 18.22 -26.15 15.68
C GLU A 543 18.74 -24.89 16.37
N GLN A 544 18.50 -23.75 15.72
CA GLN A 544 18.66 -22.45 16.36
C GLN A 544 17.53 -21.53 15.92
N GLY A 545 16.30 -22.04 15.97
CA GLY A 545 15.15 -21.30 15.50
C GLY A 545 14.59 -20.36 16.55
N ILE A 546 13.97 -19.28 16.08
CA ILE A 546 13.15 -18.41 16.90
C ILE A 546 11.79 -18.28 16.23
N PRO A 547 10.69 -18.52 16.95
CA PRO A 547 9.40 -18.71 16.29
C PRO A 547 8.83 -17.40 15.75
N ALA A 548 7.89 -17.57 14.82
CA ALA A 548 7.35 -16.43 14.08
C ALA A 548 6.63 -15.46 15.00
N ALA A 549 5.89 -15.96 15.97
CA ALA A 549 5.05 -15.10 16.78
C ALA A 549 5.87 -14.28 17.78
N ILE A 550 6.78 -14.94 18.50
CA ILE A 550 7.42 -14.34 19.67
C ILE A 550 8.33 -13.17 19.27
N VAL A 551 8.96 -13.26 18.09
CA VAL A 551 9.75 -12.13 17.61
C VAL A 551 8.83 -10.96 17.24
N SER A 552 7.60 -11.23 16.83
CA SER A 552 6.64 -10.14 16.68
C SER A 552 6.04 -9.76 18.01
N ARG A 553 5.75 -10.76 18.86
CA ARG A 553 5.10 -10.49 20.13
C ARG A 553 6.02 -9.76 21.10
N PHE A 554 7.33 -9.80 20.85
CA PHE A 554 8.24 -8.97 21.64
C PHE A 554 8.02 -7.51 21.36
N LEU A 555 8.21 -7.09 20.11
CA LEU A 555 7.99 -5.71 19.74
C LEU A 555 6.52 -5.36 19.56
N TRP A 556 5.61 -6.31 19.70
CA TRP A 556 4.20 -5.97 19.87
C TRP A 556 3.99 -5.20 21.16
N GLU A 557 4.48 -5.75 22.28
CA GLU A 557 4.36 -5.03 23.55
C GLU A 557 5.26 -3.81 23.59
N ARG A 558 6.45 -3.90 22.98
CA ARG A 558 7.28 -2.72 22.81
C ARG A 558 6.66 -1.70 21.88
N GLY A 559 5.75 -2.12 21.00
CA GLY A 559 4.94 -1.18 20.26
C GLY A 559 5.23 -1.06 18.79
N LEU A 560 5.55 -2.17 18.13
CA LEU A 560 5.65 -2.23 16.67
C LEU A 560 4.75 -3.34 16.17
N VAL A 561 4.24 -3.17 14.95
CA VAL A 561 3.44 -4.18 14.29
C VAL A 561 4.18 -4.63 13.04
N VAL A 562 4.43 -5.91 12.94
CA VAL A 562 5.20 -6.48 11.84
C VAL A 562 4.38 -7.58 11.19
N GLU A 563 4.23 -7.51 9.87
CA GLU A 563 3.50 -8.54 9.15
C GLU A 563 4.26 -9.86 9.20
N LYS A 564 3.58 -10.94 8.84
CA LYS A 564 3.95 -12.23 9.41
C LYS A 564 4.15 -13.36 8.41
N THR A 565 3.64 -13.25 7.19
CA THR A 565 3.48 -14.40 6.29
C THR A 565 4.81 -15.06 5.96
N GLY A 566 4.76 -16.35 5.67
CA GLY A 566 5.94 -17.17 5.74
C GLY A 566 6.12 -17.76 7.14
N LEU A 567 6.88 -18.85 7.20
CA LEU A 567 6.98 -19.61 8.44
C LEU A 567 7.86 -18.90 9.46
N TYR A 568 9.03 -18.43 9.05
CA TYR A 568 9.87 -17.60 9.89
C TYR A 568 10.04 -16.19 9.32
N SER A 569 9.31 -15.85 8.27
CA SER A 569 9.52 -14.60 7.53
C SER A 569 8.82 -13.43 8.23
N PHE A 570 9.60 -12.73 9.02
CA PHE A 570 9.22 -11.56 9.80
C PHE A 570 9.09 -10.36 8.89
N LEU A 571 8.08 -10.29 8.03
CA LEU A 571 8.05 -9.23 7.02
C LEU A 571 7.69 -7.88 7.63
N VAL A 572 8.65 -6.98 7.63
CA VAL A 572 8.41 -5.59 7.94
C VAL A 572 8.01 -4.91 6.65
N LEU A 573 6.92 -4.16 6.70
CA LEU A 573 6.47 -3.37 5.56
C LEU A 573 6.69 -1.90 5.91
N PHE A 574 7.68 -1.30 5.27
CA PHE A 574 7.81 0.15 5.26
C PHE A 574 6.69 0.71 4.38
N SER A 575 6.39 1.98 4.57
CA SER A 575 5.35 2.57 3.74
C SER A 575 5.69 4.02 3.53
N MET A 576 4.74 4.76 2.96
CA MET A 576 4.84 6.20 2.90
C MET A 576 4.32 6.85 4.17
N GLY A 577 3.75 6.07 5.08
CA GLY A 577 3.21 6.58 6.32
C GLY A 577 4.08 6.24 7.50
N ILE A 578 5.38 6.44 7.36
CA ILE A 578 6.32 6.32 8.46
C ILE A 578 6.93 7.69 8.72
N THR A 579 7.13 8.01 9.98
CA THR A 579 7.87 9.23 10.28
C THR A 579 9.31 9.02 9.87
N LYS A 580 9.97 10.10 9.47
CA LYS A 580 11.36 10.01 9.07
C LYS A 580 12.20 9.70 10.30
N GLY A 581 12.72 8.48 10.37
CA GLY A 581 13.42 8.05 11.56
C GLY A 581 12.70 6.98 12.36
N LYS A 582 12.06 6.05 11.68
CA LYS A 582 11.46 4.89 12.35
C LYS A 582 12.13 3.59 11.95
N TRP A 583 13.16 3.62 11.09
CA TRP A 583 13.99 2.45 10.96
C TRP A 583 14.80 2.23 12.23
N SER A 584 15.17 3.31 12.91
CA SER A 584 16.02 3.19 14.10
C SER A 584 15.25 2.69 15.31
N THR A 585 13.94 2.83 15.33
CA THR A 585 13.19 2.17 16.39
C THR A 585 13.10 0.68 16.13
N LEU A 586 12.94 0.29 14.86
CA LEU A 586 12.90 -1.12 14.51
C LEU A 586 14.27 -1.77 14.65
N VAL A 587 15.35 -1.02 14.37
CA VAL A 587 16.69 -1.50 14.64
C VAL A 587 16.88 -1.74 16.13
N THR A 588 16.48 -0.78 16.95
CA THR A 588 16.67 -0.88 18.39
C THR A 588 15.81 -1.99 18.98
N GLU A 589 14.55 -2.10 18.57
CA GLU A 589 13.70 -3.16 19.06
C GLU A 589 13.82 -4.45 18.25
N LEU A 590 14.91 -4.61 17.48
CA LEU A 590 15.38 -5.91 17.07
C LEU A 590 16.72 -6.26 17.68
N LEU A 591 17.61 -5.27 17.85
CA LEU A 591 18.81 -5.47 18.62
C LEU A 591 18.53 -5.66 20.10
N GLU A 592 17.35 -5.25 20.58
CA GLU A 592 16.89 -5.62 21.91
C GLU A 592 16.32 -7.04 21.92
N PHE A 593 15.89 -7.57 20.77
CA PHE A 593 15.36 -8.93 20.77
C PHE A 593 16.45 -9.96 20.98
N LYS A 594 17.56 -9.85 20.26
CA LYS A 594 18.71 -10.71 20.56
C LYS A 594 19.67 -10.01 21.52
N ARG A 595 19.05 -9.41 22.54
CA ARG A 595 19.67 -9.07 23.81
C ARG A 595 18.82 -9.53 24.96
N CYS A 596 17.61 -9.98 24.70
CA CYS A 596 16.74 -10.65 25.66
C CYS A 596 16.21 -11.95 25.08
N TYR A 597 17.06 -12.65 24.33
CA TYR A 597 16.86 -14.02 23.88
C TYR A 597 18.06 -14.91 24.20
N ASP A 598 19.28 -14.38 24.06
CA ASP A 598 20.44 -15.06 24.63
C ASP A 598 20.37 -15.07 26.14
N ALA A 599 19.80 -14.02 26.74
CA ALA A 599 19.47 -14.06 28.15
C ALA A 599 18.36 -15.05 28.44
N ASN A 600 17.41 -15.19 27.51
CA ASN A 600 16.34 -16.20 27.52
C ASN A 600 15.48 -16.09 28.78
N LEU A 601 14.98 -14.88 29.02
CA LEU A 601 14.22 -14.59 30.22
C LEU A 601 12.88 -15.31 30.18
N PRO A 602 12.24 -15.54 31.33
CA PRO A 602 10.87 -16.02 31.32
C PRO A 602 9.94 -15.04 30.60
N LEU A 603 8.98 -15.61 29.88
CA LEU A 603 8.17 -14.86 28.95
C LEU A 603 7.24 -13.87 29.65
N LEU A 604 6.93 -14.09 30.92
CA LEU A 604 6.14 -13.13 31.68
C LEU A 604 6.92 -11.88 32.02
N ASP A 605 8.24 -11.89 31.89
CA ASP A 605 9.05 -10.71 32.17
C ASP A 605 9.05 -9.71 31.02
N VAL A 606 8.80 -10.16 29.79
CA VAL A 606 8.82 -9.27 28.64
C VAL A 606 7.59 -9.38 27.75
N LEU A 607 6.80 -10.46 27.80
CA LEU A 607 5.65 -10.63 26.92
C LEU A 607 4.37 -10.79 27.74
N PRO A 608 3.75 -9.68 28.14
CA PRO A 608 2.45 -9.79 28.81
C PRO A 608 1.30 -10.07 27.87
N SER A 609 1.55 -10.21 26.57
CA SER A 609 0.49 -10.54 25.64
C SER A 609 0.01 -11.98 25.84
N VAL A 610 0.95 -12.92 25.95
CA VAL A 610 0.55 -14.31 26.13
C VAL A 610 0.81 -14.75 27.56
N ALA A 611 1.94 -14.35 28.15
CA ALA A 611 2.39 -15.00 29.37
C ALA A 611 1.91 -14.32 30.65
N GLN A 612 2.22 -13.03 30.86
CA GLN A 612 1.89 -12.39 32.12
C GLN A 612 0.41 -12.05 32.26
N ALA A 613 -0.39 -12.22 31.21
CA ALA A 613 -1.84 -12.24 31.31
C ALA A 613 -2.41 -13.62 31.08
N GLY A 614 -1.57 -14.61 30.79
CA GLY A 614 -1.98 -16.00 30.70
C GLY A 614 -1.23 -16.83 31.70
N GLY A 615 -1.13 -16.35 32.94
CA GLY A 615 -0.11 -16.75 33.90
C GLY A 615 -0.05 -18.17 34.43
N LYS A 616 -0.69 -19.12 33.75
CA LYS A 616 -0.69 -20.51 34.18
C LYS A 616 0.35 -21.39 33.48
N ARG A 617 0.40 -21.35 32.14
CA ARG A 617 1.11 -22.40 31.41
C ARG A 617 2.62 -22.16 31.40
N TYR A 618 3.04 -20.92 31.24
CA TYR A 618 4.46 -20.61 31.06
C TYR A 618 4.98 -19.82 32.25
N ASN A 619 4.61 -20.22 33.45
CA ASN A 619 5.18 -19.61 34.65
C ASN A 619 6.62 -20.08 34.83
N GLY A 620 7.56 -19.15 34.69
CA GLY A 620 8.97 -19.47 34.79
C GLY A 620 9.50 -20.27 33.62
N VAL A 621 9.04 -19.98 32.41
CA VAL A 621 9.44 -20.68 31.19
C VAL A 621 10.10 -19.68 30.26
N GLY A 622 11.34 -19.97 29.86
CA GLY A 622 12.08 -19.03 29.04
C GLY A 622 11.64 -19.08 27.59
N LEU A 623 12.09 -18.09 26.81
CA LEU A 623 11.71 -17.99 25.41
C LEU A 623 12.41 -19.08 24.61
N ARG A 624 13.62 -19.43 25.07
CA ARG A 624 14.56 -20.20 24.25
C ARG A 624 14.08 -21.63 24.06
N ASP A 625 13.49 -22.21 25.09
CA ASP A 625 12.89 -23.53 24.93
C ASP A 625 11.49 -23.42 24.36
N LEU A 626 10.77 -22.35 24.68
CA LEU A 626 9.51 -22.03 24.02
C LEU A 626 9.70 -21.85 22.54
N SER A 627 10.83 -21.26 22.16
CA SER A 627 11.32 -21.40 20.79
C SER A 627 11.55 -22.87 20.43
N ASP A 628 12.51 -23.51 21.11
CA ASP A 628 13.09 -24.74 20.57
C ASP A 628 12.18 -25.94 20.74
N ALA A 629 11.09 -25.82 21.50
CA ALA A 629 10.05 -26.84 21.42
C ALA A 629 9.13 -26.56 20.24
N MET A 630 8.75 -25.29 20.05
CA MET A 630 7.95 -24.93 18.90
C MET A 630 8.77 -24.94 17.62
N HIS A 631 10.09 -24.75 17.74
CA HIS A 631 10.97 -24.86 16.58
C HIS A 631 11.03 -26.29 16.06
N ALA A 632 10.82 -27.27 16.95
CA ALA A 632 10.73 -28.66 16.54
C ALA A 632 9.31 -29.10 16.25
N SER A 633 8.31 -28.33 16.69
CA SER A 633 6.92 -28.74 16.51
C SER A 633 6.45 -28.64 15.07
N TYR A 634 7.15 -27.89 14.22
CA TYR A 634 6.90 -27.97 12.78
C TYR A 634 7.61 -29.15 12.16
N ARG A 635 8.58 -29.74 12.85
CA ARG A 635 9.42 -30.81 12.31
C ARG A 635 8.94 -32.20 12.67
N ASP A 636 8.58 -32.45 13.94
CA ASP A 636 8.04 -33.74 14.33
C ASP A 636 6.58 -33.92 13.91
N ASN A 637 5.99 -32.92 13.27
CA ASN A 637 4.69 -33.06 12.62
C ASN A 637 4.82 -33.04 11.10
N ALA A 638 6.03 -32.79 10.58
CA ALA A 638 6.30 -32.64 9.14
C ALA A 638 5.40 -31.57 8.51
N THR A 639 5.11 -30.52 9.27
CA THR A 639 4.17 -29.50 8.81
C THR A 639 4.87 -28.50 7.89
N ALA A 640 6.15 -28.21 8.15
CA ALA A 640 6.92 -27.41 7.21
C ALA A 640 7.15 -28.17 5.91
N LYS A 641 7.17 -29.50 5.96
CA LYS A 641 7.04 -30.29 4.74
C LYS A 641 5.66 -30.14 4.15
N ALA A 642 4.63 -30.14 4.99
CA ALA A 642 3.25 -30.08 4.51
C ALA A 642 2.91 -28.72 3.90
N MET A 643 3.60 -27.66 4.32
CA MET A 643 3.43 -26.37 3.68
C MET A 643 3.85 -26.42 2.22
N LYS A 644 4.89 -27.19 1.92
CA LYS A 644 5.20 -27.49 0.53
C LYS A 644 4.12 -28.37 -0.08
N ARG A 645 3.61 -29.33 0.69
CA ARG A 645 2.64 -30.28 0.17
C ARG A 645 1.29 -29.62 -0.09
N MET A 646 0.76 -28.89 0.90
CA MET A 646 -0.61 -28.42 0.85
C MET A 646 -0.82 -27.28 -0.14
N TYR A 647 0.25 -26.61 -0.56
CA TYR A 647 0.08 -25.57 -1.57
C TYR A 647 0.16 -26.16 -2.98
N THR A 648 1.10 -27.08 -3.21
CA THR A 648 1.37 -27.56 -4.56
C THR A 648 0.28 -28.48 -5.09
N VAL A 649 -0.63 -28.94 -4.25
CA VAL A 649 -1.69 -29.82 -4.70
C VAL A 649 -2.80 -29.01 -5.35
N LEU A 650 -3.41 -29.59 -6.38
CA LEU A 650 -4.62 -29.04 -6.97
C LEU A 650 -5.79 -29.71 -6.27
N PRO A 651 -6.56 -28.99 -5.45
CA PRO A 651 -7.68 -29.63 -4.75
C PRO A 651 -8.79 -29.99 -5.71
N GLU A 652 -9.44 -31.14 -5.44
CA GLU A 652 -10.39 -31.72 -6.38
C GLU A 652 -11.64 -30.86 -6.45
N VAL A 653 -11.77 -30.14 -7.56
CA VAL A 653 -12.85 -29.17 -7.73
C VAL A 653 -14.13 -29.93 -7.99
N ALA A 654 -14.92 -30.14 -6.94
CA ALA A 654 -16.18 -30.84 -7.10
C ALA A 654 -17.37 -29.90 -7.22
N MET A 655 -17.24 -28.66 -6.73
CA MET A 655 -18.29 -27.68 -6.84
C MET A 655 -17.67 -26.35 -7.24
N ARG A 656 -18.36 -25.63 -8.13
CA ARG A 656 -18.02 -24.23 -8.36
C ARG A 656 -18.31 -23.42 -7.10
N PRO A 657 -17.56 -22.35 -6.86
CA PRO A 657 -17.84 -21.52 -5.68
C PRO A 657 -19.17 -20.78 -5.74
N SER A 658 -19.77 -20.65 -6.93
CA SER A 658 -21.17 -20.23 -6.99
C SER A 658 -22.08 -21.29 -6.40
N GLU A 659 -21.91 -22.54 -6.82
CA GLU A 659 -22.76 -23.63 -6.39
C GLU A 659 -22.32 -24.24 -5.08
N ALA A 660 -21.17 -23.86 -4.55
CA ALA A 660 -20.79 -24.26 -3.22
C ALA A 660 -21.12 -23.20 -2.19
N TYR A 661 -21.92 -22.21 -2.56
CA TYR A 661 -22.38 -21.19 -1.64
C TYR A 661 -23.89 -21.18 -1.49
N ASP A 662 -24.64 -21.56 -2.53
CA ASP A 662 -26.09 -21.69 -2.37
C ASP A 662 -26.46 -22.92 -1.55
N LYS A 663 -25.52 -23.84 -1.34
CA LYS A 663 -25.68 -24.92 -0.39
C LYS A 663 -25.28 -24.52 1.02
N LEU A 664 -25.22 -23.22 1.30
CA LEU A 664 -25.11 -22.70 2.66
C LEU A 664 -26.42 -22.12 3.17
N VAL A 665 -27.14 -21.38 2.33
CA VAL A 665 -28.49 -20.94 2.71
C VAL A 665 -29.48 -22.09 2.62
N ARG A 666 -29.18 -23.13 1.83
CA ARG A 666 -30.07 -24.27 1.69
C ARG A 666 -30.15 -25.08 2.97
N GLY A 667 -29.00 -25.32 3.61
CA GLY A 667 -28.98 -26.09 4.84
C GLY A 667 -27.97 -27.21 4.78
N GLU A 668 -27.31 -27.36 3.64
CA GLU A 668 -26.32 -28.42 3.45
C GLU A 668 -25.03 -28.16 4.22
N VAL A 669 -24.82 -26.95 4.69
CA VAL A 669 -23.69 -26.70 5.57
C VAL A 669 -24.00 -27.32 6.93
N GLU A 670 -23.18 -28.26 7.35
CA GLU A 670 -23.28 -28.86 8.66
C GLU A 670 -21.88 -29.05 9.23
N ALA A 671 -21.82 -29.25 10.54
CA ALA A 671 -20.56 -29.30 11.26
C ALA A 671 -19.90 -30.65 11.03
N VAL A 672 -18.90 -30.68 10.16
CA VAL A 672 -18.10 -31.87 9.89
C VAL A 672 -16.74 -31.65 10.53
N PRO A 673 -16.37 -32.39 11.57
CA PRO A 673 -15.09 -32.16 12.23
C PRO A 673 -13.91 -32.64 11.38
N ILE A 674 -12.72 -32.35 11.89
CA ILE A 674 -11.51 -32.43 11.08
C ILE A 674 -11.08 -33.85 10.76
N ALA A 675 -11.60 -34.83 11.49
CA ALA A 675 -11.13 -36.21 11.34
C ALA A 675 -11.62 -36.82 10.03
N ARG A 676 -12.92 -36.73 9.73
CA ARG A 676 -13.52 -37.41 8.60
C ARG A 676 -13.70 -36.50 7.40
N LEU A 677 -12.78 -35.55 7.21
CA LEU A 677 -12.89 -34.62 6.11
C LEU A 677 -12.53 -35.24 4.76
N GLU A 678 -11.79 -36.34 4.77
CA GLU A 678 -11.19 -36.91 3.56
C GLU A 678 -12.28 -37.55 2.72
N GLY A 679 -12.93 -36.71 1.91
CA GLY A 679 -14.01 -37.19 1.08
C GLY A 679 -15.34 -36.48 1.28
N ARG A 680 -15.29 -35.22 1.69
CA ARG A 680 -16.49 -34.41 1.74
C ARG A 680 -16.15 -32.99 1.32
N ILE A 681 -16.96 -32.45 0.41
CA ILE A 681 -16.66 -31.18 -0.26
C ILE A 681 -16.81 -30.03 0.72
N ALA A 682 -15.76 -29.23 0.86
CA ALA A 682 -15.85 -28.05 1.71
C ALA A 682 -16.63 -26.96 1.01
N ALA A 683 -17.43 -26.23 1.79
CA ALA A 683 -18.26 -25.14 1.27
C ALA A 683 -17.96 -23.82 1.94
N VAL A 684 -16.82 -23.69 2.59
CA VAL A 684 -16.44 -22.46 3.27
C VAL A 684 -14.99 -22.16 2.91
N MET A 685 -14.69 -20.90 2.63
CA MET A 685 -13.33 -20.49 2.35
C MET A 685 -12.49 -20.56 3.61
N LEU A 686 -11.46 -21.41 3.59
CA LEU A 686 -10.54 -21.53 4.71
C LEU A 686 -9.17 -21.08 4.25
N VAL A 687 -8.66 -20.04 4.90
CA VAL A 687 -7.38 -19.43 4.52
C VAL A 687 -6.43 -19.55 5.69
N PRO A 688 -5.26 -20.14 5.50
CA PRO A 688 -4.24 -20.04 6.54
C PRO A 688 -3.64 -18.66 6.51
N TYR A 689 -4.04 -17.80 7.45
CA TYR A 689 -3.60 -16.41 7.48
C TYR A 689 -3.01 -16.17 8.86
N PRO A 690 -1.78 -15.68 8.98
CA PRO A 690 -0.82 -15.14 8.00
C PRO A 690 -0.22 -15.96 6.82
N PRO A 691 0.11 -17.28 6.97
CA PRO A 691 1.14 -17.84 6.08
C PRO A 691 0.76 -18.12 4.63
N GLY A 692 -0.33 -17.55 4.11
CA GLY A 692 -0.46 -17.65 2.68
C GLY A 692 -1.79 -17.35 2.01
N ILE A 693 -2.20 -18.30 1.20
CA ILE A 693 -3.18 -18.15 0.12
C ILE A 693 -4.50 -18.76 0.57
N PRO A 694 -5.58 -18.64 -0.20
CA PRO A 694 -6.69 -19.57 -0.01
C PRO A 694 -6.26 -20.99 -0.33
N LEU A 695 -6.20 -21.81 0.72
CA LEU A 695 -5.87 -23.21 0.57
C LEU A 695 -7.03 -23.94 -0.09
N ILE A 696 -8.18 -23.95 0.57
CA ILE A 696 -9.38 -24.60 0.06
C ILE A 696 -10.46 -23.55 -0.14
N MET A 697 -10.89 -23.40 -1.37
CA MET A 697 -12.03 -22.59 -1.73
C MET A 697 -13.30 -23.32 -1.34
N PRO A 698 -14.44 -22.63 -1.32
CA PRO A 698 -15.72 -23.35 -1.31
C PRO A 698 -15.88 -24.14 -2.60
N GLY A 699 -15.91 -25.46 -2.46
CA GLY A 699 -15.95 -26.35 -3.59
C GLY A 699 -14.68 -27.14 -3.84
N GLU A 700 -13.77 -27.20 -2.86
CA GLU A 700 -12.50 -27.91 -2.98
C GLU A 700 -12.60 -29.22 -2.21
N ARG A 701 -13.03 -30.28 -2.89
CA ARG A 701 -13.25 -31.55 -2.24
C ARG A 701 -11.92 -32.25 -1.95
N PHE A 702 -11.77 -32.74 -0.73
CA PHE A 702 -10.65 -33.59 -0.39
C PHE A 702 -10.84 -34.96 -1.01
N THR A 703 -9.81 -35.47 -1.69
CA THR A 703 -9.87 -36.81 -2.24
C THR A 703 -9.57 -37.86 -1.17
N GLU A 704 -8.41 -37.76 -0.54
CA GLU A 704 -7.95 -38.71 0.46
C GLU A 704 -6.89 -38.03 1.31
N ALA A 705 -6.10 -38.82 2.04
CA ALA A 705 -4.99 -38.29 2.83
C ALA A 705 -3.86 -37.73 1.97
N THR A 706 -3.91 -37.94 0.64
CA THR A 706 -3.08 -37.15 -0.27
C THR A 706 -3.36 -35.66 -0.15
N ARG A 707 -4.61 -35.29 0.11
CA ARG A 707 -4.90 -33.92 0.52
C ARG A 707 -4.40 -33.74 1.95
N SER A 708 -3.11 -33.39 2.09
CA SER A 708 -2.39 -33.49 3.35
C SER A 708 -2.42 -32.22 4.16
N ILE A 709 -3.53 -31.47 4.12
CA ILE A 709 -3.59 -30.20 4.80
C ILE A 709 -3.76 -30.37 6.31
N LEU A 710 -4.10 -31.59 6.75
CA LEU A 710 -4.47 -31.83 8.14
C LEU A 710 -3.26 -31.78 9.05
N ASP A 711 -2.05 -31.85 8.49
CA ASP A 711 -0.83 -31.72 9.26
C ASP A 711 -0.62 -30.31 9.79
N TYR A 712 -1.35 -29.31 9.27
CA TYR A 712 -1.36 -27.98 9.84
C TYR A 712 -2.60 -27.67 10.65
N LEU A 713 -3.74 -28.27 10.31
CA LEU A 713 -4.95 -28.07 11.11
C LEU A 713 -4.79 -28.70 12.48
N GLU A 714 -4.20 -29.88 12.53
CA GLU A 714 -3.87 -30.50 13.81
C GLU A 714 -2.62 -29.89 14.45
N PHE A 715 -1.79 -29.22 13.67
CA PHE A 715 -0.69 -28.47 14.27
C PHE A 715 -1.20 -27.23 14.99
N ALA A 716 -2.20 -26.56 14.41
CA ALA A 716 -2.76 -25.36 15.03
C ALA A 716 -3.53 -25.69 16.29
N ARG A 717 -4.08 -26.90 16.38
CA ARG A 717 -4.81 -27.30 17.57
C ARG A 717 -3.89 -27.46 18.76
N THR A 718 -2.83 -28.25 18.59
CA THR A 718 -1.88 -28.48 19.67
C THR A 718 -0.98 -27.28 19.94
N PHE A 719 -0.93 -26.31 19.02
CA PHE A 719 -0.30 -25.04 19.34
C PHE A 719 -1.08 -24.31 20.42
N GLU A 720 -2.38 -24.15 20.20
CA GLU A 720 -3.23 -23.44 21.16
C GLU A 720 -3.51 -24.26 22.40
N ARG A 721 -3.38 -25.58 22.31
CA ARG A 721 -3.61 -26.41 23.50
C ARG A 721 -2.40 -26.40 24.42
N ALA A 722 -1.22 -26.67 23.87
CA ALA A 722 -0.03 -26.79 24.71
C ALA A 722 0.45 -25.43 25.17
N PHE A 723 0.06 -24.36 24.48
CA PHE A 723 0.50 -23.02 24.81
C PHE A 723 -0.64 -22.04 24.58
N PRO A 724 -0.86 -21.05 25.47
CA PRO A 724 -1.97 -20.10 25.30
C PRO A 724 -1.75 -19.13 24.15
N GLY A 725 -2.62 -18.11 24.02
CA GLY A 725 -2.97 -17.42 22.78
C GLY A 725 -1.88 -17.17 21.76
N PHE A 726 -2.06 -17.78 20.60
CA PHE A 726 -0.95 -18.11 19.72
C PHE A 726 -1.55 -18.33 18.33
N ASP A 727 -0.82 -19.05 17.48
CA ASP A 727 -1.26 -19.35 16.12
C ASP A 727 -2.40 -20.35 16.12
N SER A 728 -3.58 -19.92 16.56
CA SER A 728 -4.85 -20.57 16.24
C SER A 728 -5.53 -19.80 15.11
N ASP A 729 -4.69 -19.33 14.19
CA ASP A 729 -4.91 -18.17 13.35
C ASP A 729 -5.62 -18.47 12.05
N VAL A 730 -5.91 -19.73 11.74
CA VAL A 730 -6.43 -20.11 10.44
C VAL A 730 -7.85 -19.55 10.29
N HIS A 731 -8.02 -18.64 9.34
CA HIS A 731 -9.28 -17.95 9.16
C HIS A 731 -10.32 -18.87 8.53
N GLY A 732 -11.51 -18.86 9.09
CA GLY A 732 -12.59 -19.73 8.67
C GLY A 732 -12.77 -20.95 9.54
N LEU A 733 -11.85 -21.21 10.46
CA LEU A 733 -11.92 -22.37 11.34
C LEU A 733 -12.99 -22.11 12.39
N GLN A 734 -14.12 -22.79 12.28
CA GLN A 734 -15.21 -22.63 13.24
C GLN A 734 -14.82 -23.32 14.54
N HIS A 735 -14.37 -22.53 15.50
CA HIS A 735 -14.04 -23.06 16.81
C HIS A 735 -15.30 -23.11 17.67
N GLN A 736 -15.80 -24.31 17.94
CA GLN A 736 -16.86 -24.46 18.92
C GLN A 736 -16.27 -24.36 20.33
N ASP A 737 -17.00 -23.71 21.23
CA ASP A 737 -16.56 -23.54 22.61
C ASP A 737 -17.43 -24.41 23.50
N GLY A 738 -16.81 -25.22 24.35
CA GLY A 738 -17.56 -26.14 25.18
C GLY A 738 -16.78 -27.31 25.73
N PRO A 739 -17.29 -28.53 25.48
CA PRO A 739 -16.80 -29.71 26.22
C PRO A 739 -15.37 -30.12 25.91
N SER A 740 -15.02 -30.25 24.64
CA SER A 740 -13.69 -30.72 24.28
C SER A 740 -12.67 -29.59 24.44
N GLY A 741 -11.39 -29.97 24.38
CA GLY A 741 -10.31 -29.03 24.57
C GLY A 741 -9.98 -28.22 23.34
N ARG A 742 -10.83 -27.21 23.06
CA ARG A 742 -10.68 -26.28 21.92
C ARG A 742 -10.63 -27.02 20.59
N CYS A 743 -11.47 -28.04 20.43
CA CYS A 743 -11.52 -28.79 19.20
C CYS A 743 -12.30 -28.03 18.14
N TYR A 744 -11.84 -28.12 16.89
CA TYR A 744 -12.33 -27.31 15.81
C TYR A 744 -13.15 -28.12 14.82
N THR A 745 -13.91 -27.40 14.00
CA THR A 745 -14.83 -27.98 13.04
C THR A 745 -14.88 -27.06 11.83
N VAL A 746 -15.01 -27.65 10.64
CA VAL A 746 -15.17 -26.88 9.41
C VAL A 746 -16.52 -27.24 8.80
N GLU A 747 -16.95 -26.44 7.82
CA GLU A 747 -18.23 -26.67 7.16
C GLU A 747 -18.01 -27.40 5.85
N CYS A 748 -19.00 -28.20 5.47
CA CYS A 748 -18.95 -29.02 4.26
C CYS A 748 -20.36 -29.11 3.68
N ILE A 749 -20.56 -30.07 2.78
CA ILE A 749 -21.84 -30.29 2.12
C ILE A 749 -22.22 -31.76 2.33
N LYS A 750 -23.38 -32.00 2.91
CA LYS A 750 -23.88 -33.35 3.10
C LYS A 750 -24.36 -33.95 1.79
#